data_2G27
#
_entry.id   2G27
#
_cell.length_a   141.411
_cell.length_b   141.411
_cell.length_c   141.411
_cell.angle_alpha   90.00
_cell.angle_beta   90.00
_cell.angle_gamma   90.00
#
_symmetry.space_group_name_H-M   'P 21 3'
#
loop_
_entity.id
_entity.type
_entity.pdbx_description
1 polymer Renin
2 non-polymer 'METHYL (6-{[(2R)-1-(4-{3-[(2-METHOXYBENZYL)OXY]PROPOXY}PHENYL)-6-OXOPIPERAZIN-2-YL]METHOXY}-1H-INDOL-1-YL)ACETATE'
#
_entity_poly.entity_id   1
_entity_poly.type   'polypeptide(L)'
_entity_poly.pdbx_seq_one_letter_code
;SSVILTNYMDTQYYGEIGIGTPPQTFKVVFDTGSSNVWVPSSKCSRLYTACVYHKLFDASDSSSYKHNGTELTLRYSTGT
VSGFLSQDIITVGGITVTQMFGEVTEMPALPFMLAEFDGVVGMGFIEQAIGRVTPIFDNIISQGVLKEDVFSFYYNRDSE
NSQSLGGQIVLGGSDPQHYEGNFHYINLIKTGVWQIQMKGVSVGSSTLLCEDGCLALVDTGASYISGSTSSIEKLMEALG
AKKRLFDYVVKCNEGPTLPDISFHLGGKEYTLTSADYVFQESYSSKKLCTLAIHAMDIPPPTGPTWALGATFIRKFYTEF
DRRNNRIGFALAR
;
_entity_poly.pdbx_strand_id   A,B
#
loop_
_chem_comp.id
_chem_comp.type
_chem_comp.name
_chem_comp.formula
4LG non-polymer 'METHYL (6-{[(2R)-1-(4-{3-[(2-METHOXYBENZYL)OXY]PROPOXY}PHENYL)-6-OXOPIPERAZIN-2-YL]METHOXY}-1H-INDOL-1-YL)ACETATE' 'C33 H37 N3 O7'
#
# COMPACT_ATOMS: atom_id res chain seq x y z
N SER A 1 -22.29 1.97 31.26
CA SER A 1 -21.71 0.97 30.34
C SER A 1 -21.21 1.64 29.06
N SER A 2 -20.04 1.23 28.59
CA SER A 2 -19.47 1.84 27.39
C SER A 2 -19.22 0.84 26.25
N VAL A 3 -19.62 1.23 25.05
CA VAL A 3 -19.48 0.41 23.87
C VAL A 3 -18.37 0.96 23.00
N ILE A 4 -17.32 0.18 22.82
CA ILE A 4 -16.21 0.63 21.99
C ILE A 4 -16.65 0.61 20.54
N LEU A 5 -16.36 1.65 19.79
CA LEU A 5 -16.73 1.70 18.39
C LEU A 5 -15.50 1.67 17.51
N THR A 6 -15.74 1.33 16.26
CA THR A 6 -14.69 1.24 15.28
C THR A 6 -15.00 2.23 14.15
N ASN A 7 -13.96 2.89 13.66
CA ASN A 7 -14.14 3.84 12.59
C ASN A 7 -13.54 3.39 11.27
N TYR A 8 -14.42 3.26 10.28
CA TYR A 8 -14.05 2.88 8.93
C TYR A 8 -13.98 4.18 8.12
N MET A 9 -12.76 4.61 7.81
CA MET A 9 -12.50 5.83 7.02
C MET A 9 -13.43 7.00 7.29
N ASP A 10 -13.54 7.39 8.56
CA ASP A 10 -14.40 8.51 8.96
C ASP A 10 -15.76 8.59 8.29
N THR A 11 -16.29 7.47 7.84
CA THR A 11 -17.61 7.52 7.22
C THR A 11 -18.54 6.49 7.82
N GLN A 12 -17.99 5.54 8.61
CA GLN A 12 -18.79 4.48 9.24
C GLN A 12 -18.31 4.15 10.65
N TYR A 13 -19.15 4.36 11.66
CA TYR A 13 -18.80 4.07 13.06
C TYR A 13 -19.67 2.95 13.62
N TYR A 14 -19.10 1.76 13.85
CA TYR A 14 -19.89 0.64 14.37
C TYR A 14 -19.41 0.01 15.68
N GLY A 15 -20.32 -0.74 16.29
CA GLY A 15 -20.02 -1.42 17.54
C GLY A 15 -20.42 -2.89 17.46
N GLU A 16 -20.24 -3.62 18.56
CA GLU A 16 -20.58 -5.04 18.60
C GLU A 16 -21.69 -5.37 19.58
N ILE A 17 -22.62 -6.22 19.16
CA ILE A 17 -23.70 -6.68 20.02
C ILE A 17 -23.75 -8.20 19.95
N GLY A 18 -24.53 -8.81 20.84
CA GLY A 18 -24.64 -10.25 20.84
C GLY A 18 -26.06 -10.74 20.91
N ILE A 19 -26.47 -11.46 19.87
CA ILE A 19 -27.82 -11.98 19.80
C ILE A 19 -27.85 -13.50 19.94
N GLY A 20 -28.76 -13.99 20.78
CA GLY A 20 -28.93 -15.42 20.97
C GLY A 20 -28.10 -16.10 22.04
N THR A 21 -28.28 -17.41 22.14
CA THR A 21 -27.55 -18.24 23.08
C THR A 21 -27.19 -19.46 22.26
N PRO A 22 -25.88 -19.64 21.99
CA PRO A 22 -24.80 -18.75 22.43
C PRO A 22 -24.85 -17.41 21.69
N PRO A 23 -24.13 -16.41 22.20
CA PRO A 23 -24.10 -15.09 21.58
C PRO A 23 -23.61 -15.09 20.14
N GLN A 24 -24.50 -14.74 19.21
CA GLN A 24 -24.09 -14.62 17.82
C GLN A 24 -23.71 -13.13 17.68
N THR A 25 -22.47 -12.85 17.30
CA THR A 25 -22.02 -11.48 17.21
C THR A 25 -22.26 -10.70 15.94
N PHE A 26 -22.69 -9.45 16.11
CA PHE A 26 -22.96 -8.58 14.96
C PHE A 26 -22.26 -7.23 15.09
N LYS A 27 -21.76 -6.72 13.98
CA LYS A 27 -21.12 -5.41 13.97
C LYS A 27 -22.28 -4.48 13.66
N VAL A 28 -22.48 -3.45 14.47
CA VAL A 28 -23.59 -2.56 14.22
C VAL A 28 -23.39 -1.07 14.50
N VAL A 29 -24.21 -0.29 13.82
CA VAL A 29 -24.22 1.15 13.96
C VAL A 29 -25.33 1.50 14.92
N PHE A 30 -25.11 2.48 15.77
CA PHE A 30 -26.15 2.88 16.71
C PHE A 30 -26.71 4.17 16.15
N ASP A 31 -27.91 4.05 15.59
CA ASP A 31 -28.57 5.16 14.92
C ASP A 31 -29.63 5.90 15.73
N THR A 32 -29.36 7.19 16.02
CA THR A 32 -30.31 8.02 16.77
C THR A 32 -31.40 8.51 15.84
N GLY A 33 -31.29 8.12 14.57
CA GLY A 33 -32.27 8.50 13.56
C GLY A 33 -33.21 7.37 13.10
N SER A 34 -33.31 6.32 13.90
CA SER A 34 -34.19 5.18 13.62
C SER A 34 -34.45 4.50 14.97
N SER A 35 -35.47 3.65 15.05
CA SER A 35 -35.79 3.07 16.35
C SER A 35 -35.93 1.55 16.50
N ASN A 36 -35.40 0.79 15.55
CA ASN A 36 -35.51 -0.65 15.67
C ASN A 36 -34.17 -1.34 15.56
N VAL A 37 -34.17 -2.63 15.87
CA VAL A 37 -32.96 -3.41 15.76
C VAL A 37 -33.12 -4.28 14.54
N TRP A 38 -32.19 -4.12 13.61
CA TRP A 38 -32.20 -4.88 12.38
C TRP A 38 -30.89 -5.64 12.15
N VAL A 39 -31.03 -6.94 11.87
CA VAL A 39 -29.88 -7.77 11.56
C VAL A 39 -30.22 -8.63 10.36
N PRO A 40 -29.23 -8.86 9.50
CA PRO A 40 -29.39 -9.68 8.30
C PRO A 40 -29.76 -11.08 8.78
N SER A 41 -30.93 -11.60 8.38
CA SER A 41 -31.35 -12.95 8.78
C SER A 41 -30.65 -14.08 8.01
N SER A 42 -30.60 -15.25 8.61
CA SER A 42 -29.98 -16.38 7.94
C SER A 42 -30.98 -16.86 6.89
N LYS A 43 -32.25 -16.62 7.14
CA LYS A 43 -33.30 -17.01 6.22
C LYS A 43 -33.39 -15.97 5.12
N CYS A 44 -32.33 -15.19 4.96
CA CYS A 44 -32.30 -14.19 3.89
C CYS A 44 -31.77 -14.82 2.62
N SER A 45 -32.64 -14.98 1.63
CA SER A 45 -32.26 -15.56 0.35
C SER A 45 -30.92 -15.00 -0.12
N ARG A 46 -30.05 -15.89 -0.58
CA ARG A 46 -28.73 -15.48 -1.06
C ARG A 46 -28.82 -14.62 -2.33
N LEU A 47 -30.02 -14.50 -2.88
CA LEU A 47 -30.26 -13.69 -4.09
C LEU A 47 -30.11 -12.19 -3.81
N TYR A 48 -29.81 -11.86 -2.57
CA TYR A 48 -29.62 -10.47 -2.16
C TYR A 48 -28.16 -10.31 -1.73
N THR A 49 -27.40 -9.56 -2.51
CA THR A 49 -25.98 -9.34 -2.24
C THR A 49 -25.68 -8.87 -0.82
N ALA A 50 -26.61 -8.16 -0.20
CA ALA A 50 -26.42 -7.68 1.16
C ALA A 50 -26.34 -8.87 2.10
N CYS A 51 -26.83 -10.01 1.65
CA CYS A 51 -26.82 -11.26 2.42
C CYS A 51 -25.83 -12.23 1.83
N VAL A 52 -24.54 -11.93 1.92
CA VAL A 52 -23.53 -12.81 1.36
C VAL A 52 -22.24 -12.54 2.09
N TYR A 53 -22.07 -11.31 2.54
CA TYR A 53 -20.83 -10.99 3.22
C TYR A 53 -21.05 -10.41 4.62
N HIS A 54 -22.24 -10.55 5.15
CA HIS A 54 -22.53 -10.06 6.49
C HIS A 54 -23.04 -11.19 7.36
N LYS A 55 -22.63 -11.18 8.62
CA LYS A 55 -23.07 -12.20 9.55
C LYS A 55 -24.60 -12.28 9.48
N LEU A 56 -25.14 -13.49 9.41
CA LEU A 56 -26.59 -13.67 9.39
C LEU A 56 -27.03 -14.22 10.73
N PHE A 57 -28.26 -13.95 11.11
CA PHE A 57 -28.74 -14.45 12.38
C PHE A 57 -29.51 -15.73 12.20
N ASP A 58 -29.05 -16.80 12.84
CA ASP A 58 -29.71 -18.08 12.72
C ASP A 58 -30.50 -18.40 13.97
N ALA A 59 -31.81 -18.35 13.86
CA ALA A 59 -32.63 -18.65 15.02
C ALA A 59 -32.36 -20.08 15.44
N SER A 60 -31.92 -20.87 14.46
CA SER A 60 -31.64 -22.30 14.69
C SER A 60 -30.49 -22.62 15.65
N ASP A 61 -29.67 -21.62 15.99
CA ASP A 61 -28.57 -21.85 16.92
C ASP A 61 -28.78 -21.05 18.18
N SER A 62 -30.04 -20.83 18.54
CA SER A 62 -30.30 -20.08 19.74
C SER A 62 -31.34 -20.74 20.62
N SER A 63 -30.94 -20.98 21.87
CA SER A 63 -31.81 -21.61 22.86
C SER A 63 -32.74 -20.58 23.45
N SER A 64 -32.38 -19.31 23.28
CA SER A 64 -33.14 -18.20 23.81
C SER A 64 -34.11 -17.57 22.82
N TYR A 65 -33.92 -17.87 21.55
CA TYR A 65 -34.79 -17.33 20.52
C TYR A 65 -36.25 -17.71 20.81
N LYS A 66 -37.14 -16.77 20.50
CA LYS A 66 -38.58 -16.95 20.67
C LYS A 66 -39.18 -16.50 19.35
N HIS A 67 -40.11 -17.28 18.82
CA HIS A 67 -40.71 -16.97 17.54
C HIS A 67 -41.95 -16.07 17.60
N ASN A 68 -41.99 -15.09 16.70
CA ASN A 68 -43.12 -14.17 16.55
C ASN A 68 -43.41 -14.17 15.05
N GLY A 69 -42.46 -13.70 14.26
CA GLY A 69 -42.63 -13.73 12.81
C GLY A 69 -43.49 -12.69 12.12
N THR A 70 -43.84 -11.61 12.81
CA THR A 70 -44.63 -10.54 12.20
C THR A 70 -43.80 -9.91 11.10
N GLU A 71 -44.37 -9.77 9.91
CA GLU A 71 -43.65 -9.18 8.79
C GLU A 71 -43.49 -7.68 9.03
N LEU A 72 -42.26 -7.20 8.87
CA LEU A 72 -41.98 -5.78 9.07
C LEU A 72 -41.63 -5.25 7.71
N THR A 73 -41.85 -3.96 7.47
CA THR A 73 -41.52 -3.38 6.17
C THR A 73 -41.07 -1.93 6.30
N LEU A 74 -40.03 -1.57 5.55
CA LEU A 74 -39.54 -0.19 5.57
C LEU A 74 -38.88 0.17 4.24
N ARG A 75 -39.46 1.16 3.55
CA ARG A 75 -38.96 1.63 2.26
C ARG A 75 -38.01 2.79 2.50
N TYR A 76 -36.76 2.63 2.03
CA TYR A 76 -35.71 3.63 2.22
C TYR A 76 -35.04 4.06 0.90
N SER A 77 -35.30 5.30 0.45
CA SER A 77 -34.72 5.85 -0.81
C SER A 77 -33.76 4.91 -1.53
N THR A 78 -34.33 3.84 -2.04
CA THR A 78 -33.67 2.72 -2.74
C THR A 78 -34.47 1.65 -2.04
N GLY A 79 -35.48 2.15 -1.32
CA GLY A 79 -36.38 1.36 -0.52
C GLY A 79 -36.73 -0.05 -0.93
N THR A 80 -37.48 -0.67 -0.05
CA THR A 80 -37.97 -2.04 -0.13
C THR A 80 -37.60 -2.65 1.21
N VAL A 81 -36.53 -3.44 1.25
CA VAL A 81 -36.07 -4.07 2.48
C VAL A 81 -37.16 -4.46 3.49
N SER A 82 -37.25 -5.76 3.76
CA SER A 82 -38.22 -6.28 4.70
C SER A 82 -37.73 -7.53 5.45
N GLY A 83 -38.58 -8.02 6.35
CA GLY A 83 -38.23 -9.19 7.14
C GLY A 83 -39.27 -9.42 8.22
N PHE A 84 -38.93 -10.21 9.23
CA PHE A 84 -39.88 -10.52 10.30
C PHE A 84 -39.31 -10.24 11.68
N LEU A 85 -40.21 -10.09 12.64
CA LEU A 85 -39.87 -9.80 14.03
C LEU A 85 -39.59 -11.07 14.84
N SER A 86 -38.45 -11.06 15.54
CA SER A 86 -38.03 -12.17 16.39
C SER A 86 -37.59 -11.58 17.73
N GLN A 87 -37.56 -12.42 18.75
CA GLN A 87 -37.16 -11.98 20.09
C GLN A 87 -35.97 -12.83 20.53
N ASP A 88 -35.10 -12.26 21.36
CA ASP A 88 -33.94 -13.00 21.84
C ASP A 88 -33.02 -12.09 22.65
N ILE A 89 -32.13 -12.67 23.48
CA ILE A 89 -31.24 -11.85 24.28
C ILE A 89 -30.10 -11.18 23.50
N ILE A 90 -30.09 -9.86 23.54
CA ILE A 90 -29.06 -9.10 22.88
C ILE A 90 -28.17 -8.52 23.96
N THR A 91 -26.88 -8.42 23.69
CA THR A 91 -25.99 -7.86 24.69
C THR A 91 -25.24 -6.65 24.14
N VAL A 92 -25.29 -5.55 24.89
CA VAL A 92 -24.58 -4.34 24.51
C VAL A 92 -23.79 -3.88 25.72
N GLY A 93 -22.52 -3.54 25.50
CA GLY A 93 -21.67 -3.07 26.56
C GLY A 93 -21.90 -3.72 27.92
N GLY A 94 -21.94 -5.04 27.94
CA GLY A 94 -22.14 -5.74 29.19
C GLY A 94 -23.59 -5.98 29.57
N ILE A 95 -24.46 -5.02 29.26
CA ILE A 95 -25.86 -5.18 29.59
C ILE A 95 -26.57 -6.20 28.69
N THR A 96 -27.53 -6.90 29.28
CA THR A 96 -28.31 -7.90 28.56
C THR A 96 -29.79 -7.52 28.54
N VAL A 97 -30.45 -7.71 27.41
CA VAL A 97 -31.87 -7.38 27.31
C VAL A 97 -32.66 -8.33 26.41
N THR A 98 -33.92 -8.56 26.76
CA THR A 98 -34.79 -9.38 25.94
C THR A 98 -35.42 -8.35 24.99
N GLN A 99 -34.91 -8.29 23.77
CA GLN A 99 -35.37 -7.31 22.80
C GLN A 99 -36.02 -7.92 21.58
N MET A 100 -36.85 -7.13 20.89
CA MET A 100 -37.50 -7.60 19.67
C MET A 100 -36.73 -6.95 18.52
N PHE A 101 -36.29 -7.74 17.56
CA PHE A 101 -35.58 -7.16 16.44
C PHE A 101 -36.11 -7.71 15.13
N GLY A 102 -35.69 -7.11 14.03
CA GLY A 102 -36.13 -7.58 12.73
C GLY A 102 -35.04 -8.35 12.01
N GLU A 103 -35.41 -9.44 11.37
CA GLU A 103 -34.44 -10.20 10.62
C GLU A 103 -34.67 -9.82 9.18
N VAL A 104 -33.67 -9.23 8.54
CA VAL A 104 -33.83 -8.83 7.15
C VAL A 104 -33.90 -10.05 6.23
N THR A 105 -34.97 -10.15 5.47
CA THR A 105 -35.11 -11.25 4.53
C THR A 105 -34.90 -10.67 3.15
N GLU A 106 -35.26 -9.40 2.98
CA GLU A 106 -35.08 -8.71 1.71
C GLU A 106 -34.37 -7.38 1.89
N MET A 107 -33.42 -7.10 0.99
CA MET A 107 -32.63 -5.87 1.05
C MET A 107 -32.22 -5.36 -0.30
N PRO A 108 -32.48 -4.07 -0.55
CA PRO A 108 -32.15 -3.40 -1.80
C PRO A 108 -30.65 -3.35 -2.11
N ALA A 109 -29.89 -4.28 -1.58
CA ALA A 109 -28.45 -4.30 -1.84
C ALA A 109 -27.80 -3.04 -1.27
N LEU A 110 -27.61 -2.03 -2.12
CA LEU A 110 -27.04 -0.78 -1.67
C LEU A 110 -28.06 0.04 -0.88
N PRO A 111 -27.59 0.81 0.11
CA PRO A 111 -26.19 0.98 0.52
C PRO A 111 -25.57 -0.16 1.32
N PHE A 112 -26.41 -1.00 1.91
CA PHE A 112 -25.98 -2.10 2.76
C PHE A 112 -24.79 -2.95 2.32
N MET A 113 -24.80 -3.44 1.09
CA MET A 113 -23.73 -4.30 0.59
C MET A 113 -22.35 -3.66 0.68
N LEU A 114 -22.31 -2.40 1.11
CA LEU A 114 -21.03 -1.70 1.22
C LEU A 114 -20.70 -1.44 2.67
N ALA A 115 -21.61 -1.87 3.55
CA ALA A 115 -21.44 -1.69 4.98
C ALA A 115 -20.42 -2.65 5.56
N GLU A 116 -19.41 -2.09 6.24
CA GLU A 116 -18.39 -2.88 6.87
C GLU A 116 -18.97 -3.48 8.15
N PHE A 117 -20.17 -3.04 8.50
CA PHE A 117 -20.86 -3.54 9.68
C PHE A 117 -22.07 -4.28 9.19
N ASP A 118 -22.73 -5.02 10.07
CA ASP A 118 -23.87 -5.84 9.65
C ASP A 118 -25.27 -5.34 9.89
N GLY A 119 -25.52 -4.70 11.02
CA GLY A 119 -26.86 -4.21 11.30
C GLY A 119 -26.95 -2.86 11.97
N VAL A 120 -28.17 -2.45 12.26
CA VAL A 120 -28.40 -1.16 12.87
C VAL A 120 -29.21 -1.23 14.14
N VAL A 121 -28.77 -0.51 15.15
CA VAL A 121 -29.46 -0.46 16.43
C VAL A 121 -30.16 0.92 16.59
N GLY A 122 -31.49 0.90 16.60
CA GLY A 122 -32.23 2.14 16.73
C GLY A 122 -32.16 2.77 18.11
N MET A 123 -31.53 3.93 18.17
CA MET A 123 -31.40 4.66 19.42
C MET A 123 -32.54 5.68 19.55
N GLY A 124 -33.46 5.64 18.57
CA GLY A 124 -34.59 6.55 18.55
C GLY A 124 -35.68 6.27 19.56
N PHE A 125 -36.75 7.08 19.51
CA PHE A 125 -37.88 6.93 20.42
C PHE A 125 -38.92 5.95 19.92
N ILE A 126 -39.65 5.40 20.88
CA ILE A 126 -40.69 4.43 20.63
C ILE A 126 -41.76 4.94 19.66
N GLU A 127 -41.92 6.25 19.58
CA GLU A 127 -42.92 6.82 18.68
C GLU A 127 -42.70 6.48 17.20
N GLN A 128 -41.46 6.16 16.84
CA GLN A 128 -41.17 5.85 15.44
C GLN A 128 -40.59 4.47 15.22
N ALA A 129 -41.13 3.49 15.93
CA ALA A 129 -40.65 2.13 15.77
C ALA A 129 -41.60 1.31 14.91
N ILE A 130 -41.11 0.79 13.80
CA ILE A 130 -41.95 -0.02 12.94
C ILE A 130 -42.61 -1.07 13.83
N GLY A 131 -43.85 -1.41 13.52
CA GLY A 131 -44.54 -2.38 14.33
C GLY A 131 -44.75 -1.84 15.73
N ARG A 132 -44.33 -0.60 15.97
CA ARG A 132 -44.50 0.04 17.27
C ARG A 132 -43.81 -0.78 18.36
N VAL A 133 -42.70 -1.39 17.97
CA VAL A 133 -41.89 -2.25 18.84
C VAL A 133 -40.99 -1.49 19.82
N THR A 134 -41.00 -1.88 21.10
CA THR A 134 -40.17 -1.24 22.14
C THR A 134 -38.68 -1.15 21.80
N PRO A 135 -38.14 0.07 21.65
CA PRO A 135 -36.72 0.25 21.33
C PRO A 135 -35.80 -0.31 22.41
N ILE A 136 -34.60 -0.68 21.99
CA ILE A 136 -33.62 -1.28 22.89
C ILE A 136 -33.19 -0.43 24.07
N PHE A 137 -32.85 0.83 23.82
CA PHE A 137 -32.43 1.67 24.94
C PHE A 137 -33.56 1.79 25.95
N ASP A 138 -34.80 1.84 25.46
CA ASP A 138 -35.97 1.93 26.33
C ASP A 138 -36.00 0.73 27.25
N ASN A 139 -35.75 -0.45 26.68
CA ASN A 139 -35.74 -1.68 27.43
C ASN A 139 -34.65 -1.66 28.49
N ILE A 140 -33.49 -1.09 28.15
CA ILE A 140 -32.40 -1.04 29.10
C ILE A 140 -32.74 -0.12 30.26
N ILE A 141 -33.59 0.87 30.01
CA ILE A 141 -33.98 1.79 31.07
C ILE A 141 -34.89 1.04 32.05
N SER A 142 -35.74 0.18 31.50
CA SER A 142 -36.68 -0.60 32.30
C SER A 142 -35.99 -1.35 33.44
N GLN A 143 -34.75 -1.75 33.23
CA GLN A 143 -34.03 -2.49 34.26
C GLN A 143 -33.60 -1.61 35.41
N GLY A 144 -33.52 -0.31 35.18
CA GLY A 144 -33.11 0.59 36.23
C GLY A 144 -31.74 0.32 36.84
N VAL A 145 -30.73 0.26 35.99
CA VAL A 145 -29.35 0.04 36.44
C VAL A 145 -28.53 1.28 36.10
N LEU A 146 -28.92 1.93 35.01
CA LEU A 146 -28.26 3.13 34.54
C LEU A 146 -28.25 4.23 35.61
N LYS A 147 -27.57 5.33 35.31
CA LYS A 147 -27.47 6.46 36.22
C LYS A 147 -28.23 7.64 35.68
N GLU A 148 -28.31 7.71 34.35
CA GLU A 148 -29.01 8.79 33.69
C GLU A 148 -29.77 8.28 32.47
N ASP A 149 -30.98 8.78 32.31
CA ASP A 149 -31.82 8.42 31.18
C ASP A 149 -31.18 9.14 30.00
N VAL A 150 -29.88 8.90 29.81
CA VAL A 150 -29.12 9.52 28.75
C VAL A 150 -28.02 8.61 28.20
N PHE A 151 -27.48 8.99 27.05
CA PHE A 151 -26.40 8.26 26.40
C PHE A 151 -25.67 9.19 25.45
N SER A 152 -24.36 9.10 25.44
CA SER A 152 -23.52 9.98 24.64
C SER A 152 -22.73 9.33 23.50
N PHE A 153 -22.41 10.15 22.49
CA PHE A 153 -21.63 9.70 21.35
C PHE A 153 -20.29 10.39 21.20
N TYR A 154 -19.35 9.69 20.60
CA TYR A 154 -18.00 10.20 20.38
C TYR A 154 -17.39 9.55 19.14
N TYR A 155 -17.36 10.30 18.04
CA TYR A 155 -16.78 9.79 16.82
C TYR A 155 -15.38 10.42 16.69
N ASN A 156 -14.38 9.57 16.50
CA ASN A 156 -12.99 10.00 16.40
C ASN A 156 -12.53 10.24 14.98
N ARG A 157 -11.40 10.92 14.83
CA ARG A 157 -10.84 11.25 13.53
C ARG A 157 -10.20 10.16 12.67
N ASP A 158 -10.19 8.90 13.12
CA ASP A 158 -9.68 7.82 12.27
C ASP A 158 -8.17 7.70 12.01
N SER A 159 -7.77 6.48 11.63
CA SER A 159 -6.39 6.09 11.27
C SER A 159 -5.42 5.87 12.43
N LEU A 165 -8.22 4.60 19.59
CA LEU A 165 -9.69 4.40 19.78
C LEU A 165 -10.42 5.04 18.63
N GLY A 166 -11.37 4.32 18.07
CA GLY A 166 -12.11 4.83 16.93
C GLY A 166 -13.40 5.52 17.27
N GLY A 167 -13.90 5.28 18.47
CA GLY A 167 -15.16 5.90 18.86
C GLY A 167 -15.71 5.29 20.11
N GLN A 168 -16.78 5.86 20.66
CA GLN A 168 -17.35 5.32 21.87
C GLN A 168 -18.75 5.80 22.23
N ILE A 169 -19.60 4.86 22.63
CA ILE A 169 -20.95 5.18 23.05
C ILE A 169 -21.02 4.92 24.56
N VAL A 170 -21.71 5.77 25.29
CA VAL A 170 -21.82 5.56 26.72
C VAL A 170 -23.30 5.45 27.07
N LEU A 171 -23.69 4.30 27.60
CA LEU A 171 -25.07 4.11 27.97
C LEU A 171 -25.27 4.62 29.40
N GLY A 172 -26.31 5.44 29.57
CA GLY A 172 -26.63 5.96 30.89
C GLY A 172 -25.69 6.97 31.51
N GLY A 173 -24.94 7.70 30.69
CA GLY A 173 -24.03 8.69 31.25
C GLY A 173 -23.24 9.35 30.17
N SER A 174 -22.13 9.97 30.55
CA SER A 174 -21.27 10.65 29.59
C SER A 174 -19.84 10.28 29.93
N ASP A 175 -18.90 10.63 29.08
CA ASP A 175 -17.50 10.31 29.33
C ASP A 175 -16.64 11.55 29.11
N PRO A 176 -16.20 12.17 30.21
CA PRO A 176 -15.36 13.36 30.32
C PRO A 176 -14.01 13.27 29.65
N GLN A 177 -13.57 12.05 29.39
CA GLN A 177 -12.28 11.86 28.77
C GLN A 177 -12.30 12.28 27.31
N HIS A 178 -13.51 12.36 26.73
CA HIS A 178 -13.65 12.74 25.33
C HIS A 178 -14.41 14.03 25.01
N TYR A 179 -14.23 15.04 25.84
CA TYR A 179 -14.86 16.32 25.59
C TYR A 179 -14.39 17.30 26.65
N GLU A 180 -14.37 18.57 26.26
CA GLU A 180 -13.95 19.66 27.12
C GLU A 180 -14.96 20.78 27.03
N GLY A 181 -14.85 21.76 27.91
CA GLY A 181 -15.80 22.84 27.88
C GLY A 181 -17.05 22.33 28.55
N ASN A 182 -18.17 23.04 28.38
CA ASN A 182 -19.41 22.61 29.02
C ASN A 182 -20.50 22.34 28.01
N PHE A 183 -21.32 21.34 28.31
CA PHE A 183 -22.40 21.01 27.40
C PHE A 183 -23.37 22.17 27.40
N HIS A 184 -23.73 22.60 26.20
CA HIS A 184 -24.72 23.64 26.02
C HIS A 184 -25.83 22.83 25.38
N TYR A 185 -26.97 22.75 26.07
CA TYR A 185 -28.09 21.96 25.58
C TYR A 185 -29.08 22.70 24.71
N ILE A 186 -29.84 21.93 23.94
CA ILE A 186 -30.87 22.46 23.05
C ILE A 186 -32.06 21.54 23.24
N ASN A 187 -33.24 22.09 23.52
CA ASN A 187 -34.42 21.25 23.72
C ASN A 187 -34.95 20.68 22.41
N LEU A 188 -35.58 19.51 22.50
CA LEU A 188 -36.15 18.84 21.33
C LEU A 188 -37.42 19.55 20.89
N ILE A 189 -37.54 19.79 19.59
CA ILE A 189 -38.73 20.47 19.08
C ILE A 189 -39.97 19.71 19.48
N LYS A 190 -40.20 18.60 18.80
CA LYS A 190 -41.34 17.73 19.03
C LYS A 190 -40.85 16.36 19.47
N THR A 191 -40.66 16.18 20.77
CA THR A 191 -40.19 14.90 21.30
C THR A 191 -40.79 13.73 20.54
N GLY A 192 -39.96 12.72 20.31
CA GLY A 192 -40.36 11.55 19.56
C GLY A 192 -39.27 11.40 18.52
N VAL A 193 -38.48 12.45 18.38
CA VAL A 193 -37.38 12.50 17.43
C VAL A 193 -36.23 13.28 18.04
N TRP A 194 -35.00 12.80 17.84
CA TRP A 194 -33.84 13.53 18.33
C TRP A 194 -33.58 14.66 17.34
N GLN A 195 -34.56 15.54 17.19
CA GLN A 195 -34.49 16.67 16.26
C GLN A 195 -34.53 18.00 17.03
N ILE A 196 -33.70 18.95 16.62
CA ILE A 196 -33.67 20.25 17.29
C ILE A 196 -33.93 21.41 16.35
N GLN A 197 -34.35 22.53 16.92
CA GLN A 197 -34.65 23.75 16.16
C GLN A 197 -33.42 24.56 15.79
N MET A 198 -32.87 24.32 14.61
CA MET A 198 -31.70 25.07 14.18
C MET A 198 -32.15 26.46 13.77
N LYS A 199 -31.33 27.47 14.06
CA LYS A 199 -31.69 28.82 13.72
C LYS A 199 -30.70 29.48 12.75
N GLY A 200 -30.67 28.95 11.53
CA GLY A 200 -29.80 29.48 10.50
C GLY A 200 -28.42 28.85 10.37
N VAL A 201 -28.07 28.49 9.14
CA VAL A 201 -26.77 27.91 8.85
C VAL A 201 -25.98 29.09 8.32
N SER A 202 -24.67 29.13 8.58
CA SER A 202 -23.86 30.24 8.10
C SER A 202 -22.58 29.83 7.41
N VAL A 203 -22.25 30.54 6.33
CA VAL A 203 -21.04 30.26 5.58
C VAL A 203 -19.97 31.25 5.95
N GLY A 204 -20.00 31.72 7.20
CA GLY A 204 -19.00 32.66 7.67
C GLY A 204 -19.41 34.13 7.59
N SER A 205 -19.25 34.70 6.40
CA SER A 205 -19.60 36.10 6.18
C SER A 205 -21.07 36.20 5.77
N SER A 206 -21.41 35.57 4.65
CA SER A 206 -22.76 35.55 4.11
C SER A 206 -23.65 34.51 4.82
N THR A 207 -24.25 34.92 5.95
CA THR A 207 -25.11 34.06 6.75
C THR A 207 -26.42 33.80 6.00
N LEU A 208 -26.28 33.37 4.75
CA LEU A 208 -27.42 33.08 3.90
C LEU A 208 -27.75 31.60 3.83
N LEU A 209 -28.72 31.18 4.64
CA LEU A 209 -29.19 29.78 4.70
C LEU A 209 -29.96 29.51 5.98
N CYS A 210 -31.05 28.75 5.87
CA CYS A 210 -31.85 28.42 7.05
C CYS A 210 -32.35 29.66 7.79
N GLU A 211 -32.22 30.82 7.17
CA GLU A 211 -32.70 32.06 7.79
C GLU A 211 -34.14 31.75 8.18
N ASP A 212 -34.59 32.25 9.32
CA ASP A 212 -35.96 32.02 9.82
C ASP A 212 -35.93 30.96 10.92
N GLY A 213 -36.20 29.72 10.55
CA GLY A 213 -36.20 28.64 11.51
C GLY A 213 -36.32 27.26 10.89
N CYS A 214 -35.18 26.70 10.47
CA CYS A 214 -35.18 25.37 9.86
C CYS A 214 -34.94 24.31 10.95
N LEU A 215 -35.09 23.05 10.57
CA LEU A 215 -34.90 21.94 11.51
C LEU A 215 -33.57 21.19 11.31
N ALA A 216 -33.17 20.44 12.33
CA ALA A 216 -31.93 19.68 12.25
C ALA A 216 -31.94 18.38 13.06
N LEU A 217 -31.61 17.29 12.38
CA LEU A 217 -31.56 15.95 12.99
C LEU A 217 -30.15 15.69 13.51
N VAL A 218 -30.04 15.12 14.70
CA VAL A 218 -28.75 14.78 15.29
C VAL A 218 -28.63 13.27 15.08
N ASP A 219 -28.34 12.91 13.82
CA ASP A 219 -28.25 11.53 13.37
C ASP A 219 -26.90 10.86 13.45
N THR A 220 -26.73 10.01 14.44
CA THR A 220 -25.47 9.29 14.62
C THR A 220 -25.26 8.22 13.54
N GLY A 221 -26.37 7.71 12.99
CA GLY A 221 -26.27 6.70 11.96
C GLY A 221 -26.01 7.29 10.59
N ALA A 222 -25.86 8.61 10.53
CA ALA A 222 -25.60 9.31 9.27
C ALA A 222 -24.12 9.67 9.21
N SER A 223 -23.48 9.46 8.07
CA SER A 223 -22.07 9.79 7.99
C SER A 223 -21.77 11.27 7.69
N TYR A 224 -22.55 11.87 6.81
CA TYR A 224 -22.35 13.28 6.42
C TYR A 224 -23.39 14.24 6.99
N ILE A 225 -23.26 15.52 6.66
CA ILE A 225 -24.23 16.53 7.08
C ILE A 225 -25.16 16.70 5.90
N SER A 226 -26.47 16.66 6.14
CA SER A 226 -27.42 16.78 5.04
C SER A 226 -28.44 17.91 5.18
N GLY A 227 -28.91 18.39 4.03
CA GLY A 227 -29.90 19.45 3.97
C GLY A 227 -30.63 19.28 2.66
N SER A 228 -31.76 19.96 2.48
CA SER A 228 -32.52 19.83 1.24
C SER A 228 -31.61 19.97 0.03
N THR A 229 -32.06 19.49 -1.13
CA THR A 229 -31.24 19.60 -2.34
C THR A 229 -31.00 21.05 -2.76
N SER A 230 -31.99 21.91 -2.54
CA SER A 230 -31.82 23.32 -2.88
C SER A 230 -30.71 23.86 -2.00
N SER A 231 -30.94 23.76 -0.70
CA SER A 231 -30.00 24.23 0.32
C SER A 231 -28.56 23.83 0.01
N ILE A 232 -28.33 22.54 -0.18
CA ILE A 232 -27.00 22.04 -0.45
C ILE A 232 -26.36 22.63 -1.70
N GLU A 233 -27.15 22.78 -2.76
CA GLU A 233 -26.68 23.36 -4.02
C GLU A 233 -26.16 24.76 -3.76
N LYS A 234 -26.99 25.53 -3.06
CA LYS A 234 -26.68 26.91 -2.69
C LYS A 234 -25.36 26.94 -1.91
N LEU A 235 -25.35 26.24 -0.78
CA LEU A 235 -24.17 26.15 0.06
C LEU A 235 -22.94 25.63 -0.67
N MET A 236 -23.14 24.66 -1.57
CA MET A 236 -22.04 24.06 -2.33
C MET A 236 -21.24 25.00 -3.22
N GLU A 237 -21.79 25.34 -4.38
CA GLU A 237 -21.11 26.24 -5.31
C GLU A 237 -20.61 27.48 -4.58
N ALA A 238 -21.42 27.96 -3.63
CA ALA A 238 -21.08 29.13 -2.82
C ALA A 238 -19.95 28.77 -1.85
N LEU A 239 -18.98 27.99 -2.34
CA LEU A 239 -17.82 27.56 -1.58
C LEU A 239 -16.71 27.30 -2.58
N GLY A 240 -17.11 27.21 -3.86
CA GLY A 240 -16.16 26.94 -4.92
C GLY A 240 -16.17 25.44 -5.14
N ALA A 241 -17.13 24.79 -4.49
CA ALA A 241 -17.27 23.35 -4.59
C ALA A 241 -18.00 22.98 -5.86
N LYS A 242 -17.40 22.06 -6.61
CA LYS A 242 -18.00 21.58 -7.84
C LYS A 242 -18.93 20.43 -7.48
N LYS A 243 -19.85 20.12 -8.39
CA LYS A 243 -20.79 19.05 -8.18
C LYS A 243 -20.33 17.83 -8.98
N ARG A 244 -20.46 16.63 -8.41
CA ARG A 244 -20.07 15.43 -9.11
C ARG A 244 -21.26 14.52 -9.33
N LEU A 245 -20.97 13.24 -9.54
CA LEU A 245 -22.00 12.25 -9.78
C LEU A 245 -22.69 11.88 -8.48
N PHE A 246 -21.95 11.87 -7.38
CA PHE A 246 -22.56 11.52 -6.11
C PHE A 246 -22.03 12.25 -4.88
N ASP A 247 -21.25 13.31 -5.09
CA ASP A 247 -20.69 14.11 -4.00
C ASP A 247 -19.85 15.27 -4.51
N TYR A 248 -20.03 16.45 -3.92
CA TYR A 248 -19.27 17.63 -4.35
C TYR A 248 -17.81 17.55 -3.95
N VAL A 249 -16.97 18.31 -4.64
CA VAL A 249 -15.54 18.31 -4.36
C VAL A 249 -14.89 19.63 -4.69
N VAL A 250 -13.57 19.64 -4.67
CA VAL A 250 -12.78 20.82 -4.98
C VAL A 250 -11.35 20.33 -5.18
N LYS A 251 -10.63 20.94 -6.10
CA LYS A 251 -9.24 20.52 -6.33
C LYS A 251 -8.64 20.41 -4.93
N CYS A 252 -7.93 19.31 -4.65
CA CYS A 252 -7.34 19.09 -3.33
C CYS A 252 -6.51 20.24 -2.79
N ASN A 253 -5.65 20.79 -3.64
CA ASN A 253 -4.76 21.88 -3.25
C ASN A 253 -5.50 23.15 -2.85
N GLU A 254 -6.74 23.32 -3.29
CA GLU A 254 -7.49 24.53 -2.94
C GLU A 254 -8.52 24.29 -1.84
N GLY A 255 -8.33 23.21 -1.09
CA GLY A 255 -9.26 22.89 -0.01
C GLY A 255 -9.05 23.70 1.25
N PRO A 256 -7.83 23.73 1.79
CA PRO A 256 -7.45 24.45 3.01
C PRO A 256 -7.87 25.92 3.12
N THR A 257 -8.46 26.50 2.08
CA THR A 257 -8.88 27.89 2.19
C THR A 257 -10.33 28.10 1.84
N LEU A 258 -11.15 27.08 2.07
CA LEU A 258 -12.58 27.19 1.80
C LEU A 258 -13.16 27.72 3.10
N PRO A 259 -14.23 28.53 2.99
CA PRO A 259 -14.90 29.13 4.16
C PRO A 259 -15.26 28.17 5.28
N ASP A 260 -15.66 28.73 6.41
CA ASP A 260 -16.07 27.98 7.59
C ASP A 260 -17.59 27.82 7.60
N ILE A 261 -18.11 26.73 8.15
CA ILE A 261 -19.55 26.56 8.20
C ILE A 261 -19.97 26.55 9.66
N SER A 262 -21.08 27.22 9.95
CA SER A 262 -21.58 27.32 11.31
C SER A 262 -23.05 26.99 11.40
N PHE A 263 -23.45 26.48 12.54
CA PHE A 263 -24.83 26.14 12.75
C PHE A 263 -25.33 26.78 14.03
N HIS A 264 -26.24 27.75 13.89
CA HIS A 264 -26.77 28.42 15.06
C HIS A 264 -27.74 27.43 15.72
N LEU A 265 -27.30 26.84 16.82
CA LEU A 265 -28.14 25.88 17.52
C LEU A 265 -28.40 26.27 18.97
N GLY A 266 -29.67 26.52 19.26
CA GLY A 266 -30.08 26.89 20.60
C GLY A 266 -29.08 27.62 21.48
N GLY A 267 -28.67 28.84 21.08
CA GLY A 267 -27.76 29.60 21.91
C GLY A 267 -26.29 29.65 21.55
N LYS A 268 -25.82 28.77 20.67
CA LYS A 268 -24.42 28.81 20.32
C LYS A 268 -24.17 28.58 18.84
N GLU A 269 -22.98 28.95 18.39
CA GLU A 269 -22.63 28.80 17.00
C GLU A 269 -21.65 27.66 16.81
N TYR A 270 -22.14 26.53 16.28
CA TYR A 270 -21.28 25.39 16.02
C TYR A 270 -20.64 25.53 14.64
N THR A 271 -19.32 25.70 14.66
CA THR A 271 -18.56 25.92 13.44
C THR A 271 -17.69 24.76 12.97
N LEU A 272 -17.80 24.42 11.68
CA LEU A 272 -16.97 23.37 11.11
C LEU A 272 -16.03 24.06 10.12
N THR A 273 -14.74 23.74 10.19
CA THR A 273 -13.77 24.34 9.28
C THR A 273 -13.50 23.43 8.07
N SER A 274 -12.67 23.89 7.15
CA SER A 274 -12.38 23.10 5.96
C SER A 274 -11.85 21.73 6.37
N ALA A 275 -11.04 21.71 7.42
CA ALA A 275 -10.45 20.47 7.91
C ALA A 275 -11.54 19.53 8.39
N ASP A 276 -12.61 20.10 8.93
CA ASP A 276 -13.73 19.32 9.43
C ASP A 276 -14.63 18.76 8.34
N TYR A 277 -14.60 19.36 7.15
CA TYR A 277 -15.51 18.86 6.12
C TYR A 277 -14.94 18.39 4.77
N VAL A 278 -13.63 18.37 4.60
CA VAL A 278 -13.09 17.88 3.35
C VAL A 278 -12.07 16.81 3.65
N PHE A 279 -12.23 15.65 3.03
CA PHE A 279 -11.29 14.59 3.24
C PHE A 279 -10.08 15.05 2.45
N GLN A 280 -9.07 15.52 3.15
CA GLN A 280 -7.86 16.01 2.52
C GLN A 280 -6.95 14.84 2.17
N GLU A 281 -7.32 14.07 1.14
CA GLU A 281 -6.54 12.91 0.72
C GLU A 281 -5.07 13.25 0.48
N SER A 282 -4.83 14.47 0.06
CA SER A 282 -3.49 15.00 -0.20
C SER A 282 -3.73 16.46 -0.55
N TYR A 283 -2.67 17.17 -0.91
CA TYR A 283 -2.82 18.58 -1.23
C TYR A 283 -2.53 18.87 -2.69
N SER A 284 -2.39 17.81 -3.49
CA SER A 284 -2.12 17.96 -4.91
C SER A 284 -3.05 18.99 -5.53
N SER A 285 -2.53 19.69 -6.53
CA SER A 285 -3.29 20.70 -7.26
C SER A 285 -3.96 20.00 -8.43
N LYS A 286 -3.71 18.69 -8.50
CA LYS A 286 -4.25 17.86 -9.57
C LYS A 286 -5.51 17.10 -9.16
N LYS A 287 -5.34 16.11 -8.28
CA LYS A 287 -6.43 15.26 -7.80
C LYS A 287 -7.57 16.04 -7.14
N LEU A 288 -8.73 15.41 -7.04
CA LEU A 288 -9.88 16.05 -6.39
C LEU A 288 -9.97 15.56 -4.94
N CYS A 289 -10.72 16.30 -4.13
CA CYS A 289 -10.91 15.96 -2.72
C CYS A 289 -12.41 16.10 -2.40
N THR A 290 -12.97 15.13 -1.66
CA THR A 290 -14.40 15.13 -1.32
C THR A 290 -14.83 15.85 -0.03
N LEU A 291 -16.05 16.38 -0.02
CA LEU A 291 -16.60 17.09 1.14
C LEU A 291 -17.56 16.15 1.88
N ALA A 292 -17.43 16.12 3.21
CA ALA A 292 -18.26 15.26 4.03
C ALA A 292 -19.68 15.79 4.10
N ILE A 293 -20.08 16.49 3.05
CA ILE A 293 -21.42 17.05 2.96
C ILE A 293 -22.07 16.58 1.66
N HIS A 294 -23.39 16.45 1.68
CA HIS A 294 -24.11 16.06 0.48
C HIS A 294 -25.63 16.28 0.54
N ALA A 295 -26.22 16.46 -0.64
CA ALA A 295 -27.65 16.70 -0.83
C ALA A 295 -28.55 16.03 0.20
N MET A 296 -29.10 14.88 -0.19
CA MET A 296 -30.00 14.11 0.68
C MET A 296 -31.28 14.84 1.05
N ASP A 297 -32.38 14.43 0.43
CA ASP A 297 -33.68 15.02 0.72
C ASP A 297 -34.45 14.08 1.64
N ILE A 298 -34.80 14.55 2.82
CA ILE A 298 -35.53 13.73 3.78
C ILE A 298 -37.00 14.09 3.84
N PRO A 299 -37.86 13.07 3.69
CA PRO A 299 -39.33 13.15 3.70
C PRO A 299 -40.01 13.29 5.07
N PRO A 300 -41.11 14.05 5.10
CA PRO A 300 -41.94 14.33 6.28
C PRO A 300 -42.47 13.05 6.90
N PRO A 301 -43.03 13.14 8.11
CA PRO A 301 -43.18 14.37 8.90
C PRO A 301 -41.87 14.93 9.45
N THR A 302 -40.85 14.08 9.54
CA THR A 302 -39.55 14.46 10.07
C THR A 302 -38.86 15.61 9.32
N GLY A 303 -38.91 15.61 7.99
CA GLY A 303 -38.25 16.66 7.22
C GLY A 303 -39.13 17.50 6.30
N PRO A 304 -38.54 18.21 5.32
CA PRO A 304 -37.08 18.24 5.09
C PRO A 304 -36.34 19.05 6.14
N THR A 305 -35.64 18.35 7.01
CA THR A 305 -34.85 18.95 8.08
C THR A 305 -33.41 18.70 7.66
N TRP A 306 -32.46 19.27 8.38
CA TRP A 306 -31.07 19.03 8.05
C TRP A 306 -30.68 17.76 8.79
N ALA A 307 -29.43 17.37 8.67
CA ALA A 307 -28.96 16.18 9.34
C ALA A 307 -27.52 16.35 9.80
N LEU A 308 -27.35 16.54 11.10
CA LEU A 308 -26.03 16.67 11.69
C LEU A 308 -25.56 15.26 12.04
N GLY A 309 -24.81 14.66 11.12
CA GLY A 309 -24.29 13.32 11.32
C GLY A 309 -22.84 13.25 11.79
N ALA A 310 -22.12 12.23 11.32
CA ALA A 310 -20.73 12.02 11.72
C ALA A 310 -19.81 13.22 11.60
N THR A 311 -19.91 13.96 10.50
CA THR A 311 -19.06 15.14 10.29
C THR A 311 -19.16 16.07 11.49
N PHE A 312 -20.39 16.35 11.91
CA PHE A 312 -20.64 17.22 13.05
C PHE A 312 -20.14 16.59 14.34
N ILE A 313 -20.63 15.39 14.60
CA ILE A 313 -20.30 14.63 15.80
C ILE A 313 -18.82 14.42 16.03
N ARG A 314 -18.05 14.29 14.96
CA ARG A 314 -16.62 14.12 15.12
C ARG A 314 -16.07 15.27 15.94
N LYS A 315 -16.55 16.48 15.65
CA LYS A 315 -16.04 17.65 16.37
C LYS A 315 -16.75 17.94 17.69
N PHE A 316 -18.05 17.74 17.76
CA PHE A 316 -18.75 18.01 19.00
C PHE A 316 -19.33 16.77 19.65
N TYR A 317 -18.73 16.39 20.77
CA TYR A 317 -19.18 15.25 21.54
C TYR A 317 -20.66 15.46 21.77
N THR A 318 -21.46 14.43 21.56
CA THR A 318 -22.90 14.54 21.71
C THR A 318 -23.55 13.65 22.77
N GLU A 319 -24.49 14.24 23.51
CA GLU A 319 -25.23 13.52 24.54
C GLU A 319 -26.73 13.62 24.28
N PHE A 320 -27.41 12.48 24.35
CA PHE A 320 -28.84 12.46 24.15
C PHE A 320 -29.41 12.11 25.50
N ASP A 321 -30.19 13.05 26.01
CA ASP A 321 -30.80 12.96 27.33
C ASP A 321 -32.30 12.76 27.21
N ARG A 322 -32.77 11.51 27.29
CA ARG A 322 -34.20 11.24 27.20
C ARG A 322 -34.96 11.82 28.39
N ARG A 323 -34.29 11.87 29.54
CA ARG A 323 -34.89 12.38 30.76
C ARG A 323 -35.55 13.73 30.58
N ASN A 324 -34.88 14.63 29.86
CA ASN A 324 -35.42 15.97 29.63
C ASN A 324 -35.51 16.36 28.17
N ASN A 325 -35.84 15.39 27.32
CA ASN A 325 -35.95 15.64 25.89
C ASN A 325 -35.02 16.73 25.36
N ARG A 326 -33.73 16.62 25.68
CA ARG A 326 -32.72 17.57 25.23
C ARG A 326 -31.53 16.85 24.59
N ILE A 327 -30.56 17.64 24.16
CA ILE A 327 -29.34 17.15 23.53
C ILE A 327 -28.23 18.14 23.81
N GLY A 328 -27.09 17.64 24.27
CA GLY A 328 -25.97 18.51 24.57
C GLY A 328 -24.84 18.34 23.57
N PHE A 329 -24.00 19.37 23.50
CA PHE A 329 -22.87 19.36 22.59
C PHE A 329 -21.68 19.91 23.34
N ALA A 330 -20.51 19.30 23.15
CA ALA A 330 -19.30 19.78 23.81
C ALA A 330 -18.09 19.47 22.93
N LEU A 331 -17.12 20.38 22.90
CA LEU A 331 -15.92 20.17 22.11
C LEU A 331 -15.39 18.79 22.39
N ALA A 332 -15.31 17.95 21.35
CA ALA A 332 -14.80 16.61 21.52
C ALA A 332 -13.29 16.63 21.60
N ARG A 333 -12.75 15.77 22.45
CA ARG A 333 -11.30 15.68 22.64
C ARG A 333 -10.81 14.27 22.31
N SER B 1 19.20 -25.61 -16.75
CA SER B 1 18.45 -25.19 -15.57
C SER B 1 18.36 -23.66 -15.50
N SER B 2 17.13 -23.13 -15.44
CA SER B 2 16.94 -21.69 -15.39
C SER B 2 16.60 -21.23 -13.97
N VAL B 3 16.53 -19.91 -13.81
CA VAL B 3 16.19 -19.27 -12.54
C VAL B 3 15.54 -17.93 -12.88
N ILE B 4 14.29 -17.75 -12.45
CA ILE B 4 13.54 -16.53 -12.71
C ILE B 4 14.01 -15.31 -11.91
N LEU B 5 14.30 -14.21 -12.63
CA LEU B 5 14.77 -12.97 -12.01
C LEU B 5 13.73 -11.89 -11.75
N THR B 6 14.00 -11.09 -10.72
CA THR B 6 13.13 -9.99 -10.33
C THR B 6 13.86 -8.69 -10.61
N ASN B 7 13.19 -7.79 -11.32
CA ASN B 7 13.81 -6.51 -11.66
C ASN B 7 13.38 -5.38 -10.73
N TYR B 8 14.33 -4.84 -9.98
CA TYR B 8 14.00 -3.73 -9.11
C TYR B 8 14.49 -2.44 -9.74
N MET B 9 13.58 -1.72 -10.38
CA MET B 9 13.88 -0.44 -10.99
C MET B 9 15.03 -0.39 -11.98
N ASP B 10 15.24 -1.47 -12.73
CA ASP B 10 16.31 -1.51 -13.73
C ASP B 10 17.70 -1.35 -13.15
N THR B 11 17.79 -1.32 -11.83
CA THR B 11 19.09 -1.16 -11.22
C THR B 11 19.45 -2.36 -10.40
N GLN B 12 18.52 -3.31 -10.26
CA GLN B 12 18.78 -4.52 -9.48
C GLN B 12 18.08 -5.76 -10.01
N TYR B 13 18.85 -6.72 -10.49
CA TYR B 13 18.27 -7.94 -11.02
C TYR B 13 18.75 -9.10 -10.18
N TYR B 14 17.80 -9.80 -9.57
CA TYR B 14 18.14 -10.91 -8.71
C TYR B 14 17.09 -12.01 -8.72
N GLY B 15 17.56 -13.25 -8.59
CA GLY B 15 16.68 -14.40 -8.52
C GLY B 15 16.97 -15.02 -7.16
N GLU B 16 16.28 -16.08 -6.76
CA GLU B 16 16.62 -16.63 -5.47
C GLU B 16 17.28 -18.01 -5.50
N ILE B 17 17.98 -18.35 -4.42
CA ILE B 17 18.66 -19.63 -4.28
C ILE B 17 18.27 -20.23 -2.95
N GLY B 18 18.57 -21.52 -2.79
CA GLY B 18 18.26 -22.20 -1.55
C GLY B 18 19.52 -22.73 -0.86
N ILE B 19 19.55 -22.71 0.47
CA ILE B 19 20.73 -23.18 1.19
C ILE B 19 20.39 -23.96 2.45
N GLY B 20 20.90 -25.19 2.51
CA GLY B 20 20.69 -26.00 3.70
C GLY B 20 19.51 -26.94 3.72
N THR B 21 19.36 -27.65 4.83
CA THR B 21 18.30 -28.62 5.03
C THR B 21 17.54 -28.35 6.34
N PRO B 22 16.32 -27.80 6.25
CA PRO B 22 15.63 -27.44 5.00
C PRO B 22 16.37 -26.27 4.37
N PRO B 23 16.21 -26.07 3.05
CA PRO B 23 16.94 -24.93 2.52
C PRO B 23 16.34 -23.62 3.03
N GLN B 24 17.20 -22.62 3.14
CA GLN B 24 16.84 -21.28 3.61
C GLN B 24 16.95 -20.41 2.37
N THR B 25 15.83 -19.89 1.88
CA THR B 25 15.85 -19.09 0.66
C THR B 25 16.43 -17.68 0.74
N PHE B 26 17.24 -17.36 -0.25
CA PHE B 26 17.91 -16.07 -0.33
C PHE B 26 17.72 -15.41 -1.67
N LYS B 27 17.50 -14.10 -1.65
CA LYS B 27 17.38 -13.32 -2.88
C LYS B 27 18.83 -12.93 -3.19
N VAL B 28 19.34 -13.38 -4.32
CA VAL B 28 20.71 -13.05 -4.66
C VAL B 28 20.90 -12.57 -6.07
N VAL B 29 21.99 -11.85 -6.26
CA VAL B 29 22.35 -11.29 -7.54
C VAL B 29 23.46 -12.16 -8.10
N PHE B 30 23.26 -12.66 -9.32
CA PHE B 30 24.29 -13.48 -9.94
C PHE B 30 25.23 -12.50 -10.61
N ASP B 31 26.43 -12.39 -10.03
CA ASP B 31 27.45 -11.45 -10.47
C ASP B 31 28.72 -12.04 -11.13
N THR B 32 28.85 -11.82 -12.42
CA THR B 32 29.99 -12.29 -13.19
C THR B 32 31.20 -11.42 -12.89
N GLY B 33 31.01 -10.42 -12.04
CA GLY B 33 32.10 -9.53 -11.69
C GLY B 33 32.86 -10.02 -10.49
N SER B 34 32.29 -10.98 -9.77
CA SER B 34 32.91 -11.54 -8.58
C SER B 34 32.82 -13.06 -8.66
N SER B 35 33.48 -13.77 -7.74
CA SER B 35 33.45 -15.23 -7.78
C SER B 35 33.01 -15.93 -6.51
N ASN B 36 32.74 -15.20 -5.46
CA ASN B 36 32.37 -15.85 -4.21
C ASN B 36 30.87 -15.79 -3.97
N VAL B 37 30.38 -16.72 -3.15
CA VAL B 37 28.95 -16.74 -2.81
C VAL B 37 28.84 -16.20 -1.39
N TRP B 38 28.19 -15.05 -1.24
CA TRP B 38 28.01 -14.42 0.06
C TRP B 38 26.56 -14.24 0.43
N VAL B 39 26.33 -14.23 1.74
CA VAL B 39 25.00 -14.03 2.29
C VAL B 39 25.23 -13.50 3.69
N PRO B 40 24.22 -12.87 4.27
CA PRO B 40 24.32 -12.32 5.61
C PRO B 40 24.19 -13.46 6.59
N SER B 41 25.12 -13.53 7.54
CA SER B 41 25.10 -14.57 8.56
C SER B 41 24.20 -14.17 9.70
N SER B 42 23.73 -15.15 10.46
CA SER B 42 22.87 -14.86 11.60
C SER B 42 23.81 -14.30 12.66
N LYS B 43 25.10 -14.52 12.45
CA LYS B 43 26.12 -14.05 13.36
C LYS B 43 26.44 -12.58 13.11
N CYS B 44 25.83 -11.99 12.09
CA CYS B 44 26.08 -10.57 11.79
C CYS B 44 25.42 -9.67 12.82
N SER B 45 26.22 -9.00 13.65
CA SER B 45 25.67 -8.09 14.66
C SER B 45 24.69 -7.13 14.01
N ARG B 46 23.64 -6.77 14.73
CA ARG B 46 22.63 -5.90 14.16
C ARG B 46 23.01 -4.43 14.09
N LEU B 47 24.23 -4.12 14.49
CA LEU B 47 24.69 -2.74 14.45
C LEU B 47 25.03 -2.34 13.04
N TYR B 48 24.62 -3.18 12.10
CA TYR B 48 24.85 -2.95 10.69
C TYR B 48 23.48 -2.92 10.04
N THR B 49 22.95 -1.73 9.77
CA THR B 49 21.65 -1.65 9.15
C THR B 49 21.54 -2.70 8.06
N ALA B 50 22.68 -3.01 7.46
CA ALA B 50 22.78 -3.99 6.39
C ALA B 50 22.25 -5.37 6.74
N CYS B 51 22.25 -5.69 8.03
CA CYS B 51 21.78 -7.01 8.47
C CYS B 51 20.46 -6.96 9.21
N VAL B 52 19.79 -5.82 9.20
CA VAL B 52 18.53 -5.75 9.93
C VAL B 52 17.28 -6.04 9.14
N TYR B 53 17.36 -5.90 7.80
CA TYR B 53 16.19 -6.17 6.98
C TYR B 53 16.46 -7.24 5.94
N HIS B 54 17.63 -7.85 6.01
CA HIS B 54 17.98 -8.91 5.08
C HIS B 54 17.84 -10.26 5.74
N LYS B 55 17.75 -11.32 4.93
CA LYS B 55 17.63 -12.66 5.46
C LYS B 55 19.03 -13.00 5.89
N LEU B 56 19.13 -13.69 7.02
CA LEU B 56 20.42 -14.06 7.59
C LEU B 56 20.52 -15.57 7.68
N PHE B 57 21.58 -16.13 7.13
CA PHE B 57 21.78 -17.57 7.19
C PHE B 57 21.97 -18.02 8.64
N ASP B 58 21.27 -19.07 9.03
CA ASP B 58 21.39 -19.59 10.39
C ASP B 58 21.97 -20.99 10.37
N ALA B 59 23.29 -21.09 10.43
CA ALA B 59 23.97 -22.38 10.40
C ALA B 59 23.38 -23.44 11.33
N SER B 60 22.82 -23.03 12.45
CA SER B 60 22.28 -23.98 13.43
C SER B 60 20.95 -24.61 13.06
N ASP B 61 20.58 -24.55 11.79
CA ASP B 61 19.31 -25.15 11.38
C ASP B 61 19.44 -26.02 10.15
N SER B 62 20.65 -26.13 9.61
CA SER B 62 20.87 -26.96 8.43
C SER B 62 21.42 -28.34 8.78
N SER B 63 20.59 -29.37 8.60
CA SER B 63 21.00 -30.75 8.88
C SER B 63 22.30 -31.04 8.15
N SER B 64 22.51 -30.35 7.03
CA SER B 64 23.66 -30.55 6.19
C SER B 64 24.83 -29.56 6.30
N TYR B 65 24.67 -28.52 7.12
CA TYR B 65 25.74 -27.54 7.28
C TYR B 65 27.06 -28.24 7.62
N LYS B 66 28.19 -27.55 7.41
CA LYS B 66 29.51 -28.10 7.70
C LYS B 66 30.43 -26.94 8.08
N HIS B 67 31.38 -27.20 8.97
CA HIS B 67 32.25 -26.13 9.41
C HIS B 67 33.59 -25.94 8.68
N ASN B 68 34.08 -24.72 8.77
CA ASN B 68 35.34 -24.22 8.20
C ASN B 68 35.10 -22.73 8.39
N GLY B 69 35.74 -22.13 9.38
CA GLY B 69 35.53 -20.72 9.62
C GLY B 69 36.65 -19.82 9.13
N THR B 70 37.27 -20.17 8.00
CA THR B 70 38.36 -19.36 7.46
C THR B 70 37.85 -17.94 7.23
N GLU B 71 38.39 -16.99 8.00
CA GLU B 71 37.95 -15.61 7.90
C GLU B 71 38.03 -15.12 6.47
N LEU B 72 37.18 -14.14 6.15
CA LEU B 72 37.13 -13.58 4.80
C LEU B 72 37.08 -12.05 4.87
N THR B 73 37.82 -11.41 3.97
CA THR B 73 37.87 -9.96 3.96
C THR B 73 37.84 -9.35 2.57
N LEU B 74 37.06 -8.28 2.42
CA LEU B 74 36.96 -7.58 1.15
C LEU B 74 37.02 -6.09 1.43
N ARG B 75 37.97 -5.40 0.83
CA ARG B 75 38.08 -3.96 1.03
C ARG B 75 37.40 -3.30 -0.17
N TYR B 76 36.07 -3.23 -0.10
CA TYR B 76 35.23 -2.67 -1.16
C TYR B 76 34.96 -1.17 -1.06
N SER B 77 35.98 -0.35 -1.36
CA SER B 77 35.86 1.11 -1.30
C SER B 77 34.70 1.50 -0.39
N THR B 78 35.02 1.66 0.89
CA THR B 78 34.05 1.95 1.96
C THR B 78 33.87 0.59 2.59
N GLY B 79 34.50 -0.39 1.93
CA GLY B 79 34.43 -1.79 2.32
C GLY B 79 35.12 -2.30 3.56
N THR B 80 34.32 -2.54 4.58
CA THR B 80 34.80 -3.09 5.83
C THR B 80 34.61 -4.59 5.60
N VAL B 81 33.35 -4.98 5.39
CA VAL B 81 32.91 -6.35 5.13
C VAL B 81 33.80 -7.53 5.49
N SER B 82 33.32 -8.31 6.46
CA SER B 82 34.01 -9.49 6.96
C SER B 82 33.06 -10.68 7.17
N GLY B 83 33.62 -11.87 7.07
CA GLY B 83 32.85 -13.07 7.26
C GLY B 83 33.79 -14.26 7.26
N PHE B 84 33.23 -15.46 7.41
CA PHE B 84 34.02 -16.69 7.43
C PHE B 84 33.49 -17.73 6.44
N LEU B 85 34.38 -18.60 5.95
CA LEU B 85 33.96 -19.64 5.02
C LEU B 85 32.98 -20.57 5.67
N SER B 86 32.37 -21.42 4.86
CA SER B 86 31.38 -22.40 5.32
C SER B 86 30.99 -23.32 4.18
N GLN B 87 30.17 -24.32 4.50
CA GLN B 87 29.72 -25.28 3.52
C GLN B 87 28.31 -25.75 3.82
N ASP B 88 27.60 -26.08 2.76
CA ASP B 88 26.24 -26.57 2.82
C ASP B 88 25.85 -26.71 1.37
N ILE B 89 24.71 -27.34 1.12
CA ILE B 89 24.24 -27.52 -0.23
C ILE B 89 23.33 -26.35 -0.60
N ILE B 90 23.58 -25.75 -1.76
CA ILE B 90 22.78 -24.63 -2.24
C ILE B 90 21.98 -25.10 -3.43
N THR B 91 20.75 -24.62 -3.57
CA THR B 91 19.92 -25.01 -4.68
C THR B 91 19.76 -23.84 -5.65
N VAL B 92 19.99 -24.10 -6.93
CA VAL B 92 19.84 -23.07 -7.95
C VAL B 92 19.06 -23.66 -9.12
N GLY B 93 17.82 -23.21 -9.28
CA GLY B 93 16.98 -23.70 -10.35
C GLY B 93 16.82 -25.19 -10.41
N GLY B 94 16.63 -25.85 -9.28
CA GLY B 94 16.48 -27.29 -9.32
C GLY B 94 17.80 -28.04 -9.18
N ILE B 95 18.88 -27.41 -9.63
CA ILE B 95 20.19 -28.03 -9.51
C ILE B 95 20.70 -27.75 -8.09
N THR B 96 21.27 -28.78 -7.44
CA THR B 96 21.80 -28.58 -6.11
C THR B 96 23.22 -29.09 -6.08
N VAL B 97 24.09 -28.33 -5.43
CA VAL B 97 25.49 -28.68 -5.31
C VAL B 97 26.06 -28.23 -3.97
N THR B 98 26.97 -29.03 -3.43
CA THR B 98 27.63 -28.73 -2.17
C THR B 98 28.60 -27.60 -2.52
N GLN B 99 28.32 -26.42 -2.01
CA GLN B 99 29.13 -25.26 -2.32
C GLN B 99 29.73 -24.60 -1.08
N MET B 100 30.85 -23.92 -1.30
CA MET B 100 31.57 -23.21 -0.26
C MET B 100 31.21 -21.75 -0.37
N PHE B 101 30.57 -21.22 0.66
CA PHE B 101 30.15 -19.83 0.67
C PHE B 101 30.60 -19.11 1.94
N GLY B 102 30.73 -17.79 1.87
CA GLY B 102 31.13 -17.02 3.02
C GLY B 102 29.97 -16.33 3.72
N GLU B 103 29.88 -16.49 5.05
CA GLU B 103 28.82 -15.86 5.82
C GLU B 103 29.35 -14.53 6.30
N VAL B 104 28.68 -13.44 5.93
CA VAL B 104 29.10 -12.10 6.34
C VAL B 104 28.74 -11.82 7.79
N THR B 105 29.64 -11.16 8.51
CA THR B 105 29.43 -10.84 9.92
C THR B 105 29.30 -9.35 10.20
N GLU B 106 29.90 -8.55 9.32
CA GLU B 106 29.87 -7.09 9.44
C GLU B 106 30.17 -6.44 8.09
N MET B 107 29.29 -5.54 7.63
CA MET B 107 29.48 -4.86 6.34
C MET B 107 28.83 -3.48 6.32
N PRO B 108 29.47 -2.52 5.63
CA PRO B 108 29.14 -1.10 5.42
C PRO B 108 27.70 -0.79 5.08
N ALA B 109 27.30 0.46 5.34
CA ALA B 109 25.95 0.89 5.02
C ALA B 109 25.81 0.77 3.52
N LEU B 110 26.61 1.55 2.80
CA LEU B 110 26.61 1.54 1.35
C LEU B 110 27.56 0.48 0.81
N PRO B 111 27.10 -0.31 -0.18
CA PRO B 111 25.74 -0.16 -0.72
C PRO B 111 24.80 -1.27 -0.28
N PHE B 112 25.34 -2.24 0.44
CA PHE B 112 24.58 -3.40 0.93
C PHE B 112 23.26 -3.08 1.64
N MET B 113 23.04 -1.80 1.88
CA MET B 113 21.82 -1.36 2.55
C MET B 113 20.77 -1.04 1.50
N LEU B 114 21.23 -0.76 0.28
CA LEU B 114 20.37 -0.42 -0.85
C LEU B 114 19.90 -1.66 -1.61
N ALA B 115 20.60 -2.78 -1.41
CA ALA B 115 20.28 -4.02 -2.10
C ALA B 115 19.00 -4.67 -1.63
N GLU B 116 18.01 -4.69 -2.50
CA GLU B 116 16.73 -5.30 -2.20
C GLU B 116 16.94 -6.78 -1.99
N PHE B 117 18.13 -7.26 -2.34
CA PHE B 117 18.45 -8.67 -2.19
C PHE B 117 19.37 -8.97 -1.01
N ASP B 118 19.51 -10.25 -0.70
CA ASP B 118 20.32 -10.71 0.41
C ASP B 118 21.81 -10.89 0.11
N GLY B 119 22.16 -11.36 -1.07
CA GLY B 119 23.57 -11.56 -1.35
C GLY B 119 23.92 -11.73 -2.80
N VAL B 120 25.13 -12.23 -3.06
CA VAL B 120 25.56 -12.40 -4.42
C VAL B 120 26.09 -13.79 -4.71
N VAL B 121 25.89 -14.22 -5.95
CA VAL B 121 26.41 -15.50 -6.39
C VAL B 121 27.39 -15.18 -7.51
N GLY B 122 28.67 -15.16 -7.14
CA GLY B 122 29.71 -14.86 -8.10
C GLY B 122 29.70 -15.86 -9.22
N MET B 123 29.72 -15.35 -10.44
CA MET B 123 29.71 -16.17 -11.62
C MET B 123 31.03 -15.95 -12.32
N GLY B 124 32.01 -15.44 -11.56
CA GLY B 124 33.32 -15.18 -12.11
C GLY B 124 34.24 -16.38 -12.02
N PHE B 125 35.42 -16.28 -12.61
CA PHE B 125 36.38 -17.37 -12.59
C PHE B 125 37.00 -17.61 -11.21
N ILE B 126 37.32 -18.86 -10.90
CA ILE B 126 37.91 -19.19 -9.60
C ILE B 126 39.18 -18.40 -9.34
N GLU B 127 39.69 -17.72 -10.36
CA GLU B 127 40.90 -16.94 -10.18
C GLU B 127 40.62 -15.76 -9.26
N GLN B 128 39.41 -15.20 -9.32
CA GLN B 128 39.04 -14.06 -8.48
C GLN B 128 38.34 -14.49 -7.19
N ALA B 129 38.29 -15.79 -6.94
CA ALA B 129 37.60 -16.28 -5.77
C ALA B 129 38.36 -15.99 -4.48
N ILE B 130 37.81 -15.11 -3.65
CA ILE B 130 38.47 -14.79 -2.39
C ILE B 130 38.62 -16.06 -1.57
N GLY B 131 39.85 -16.36 -1.17
CA GLY B 131 40.10 -17.55 -0.41
C GLY B 131 40.42 -18.71 -1.34
N ARG B 132 40.30 -18.47 -2.65
CA ARG B 132 40.57 -19.48 -3.66
C ARG B 132 39.47 -20.56 -3.72
N VAL B 133 38.39 -20.32 -2.99
CA VAL B 133 37.25 -21.24 -2.96
C VAL B 133 36.69 -21.47 -4.37
N THR B 134 36.15 -22.66 -4.64
CA THR B 134 35.60 -22.91 -5.98
C THR B 134 34.25 -22.24 -6.25
N PRO B 135 34.16 -21.55 -7.39
CA PRO B 135 32.96 -20.84 -7.84
C PRO B 135 31.83 -21.81 -8.17
N ILE B 136 30.68 -21.62 -7.51
CA ILE B 136 29.52 -22.49 -7.69
C ILE B 136 29.31 -23.04 -9.11
N PHE B 137 29.56 -22.23 -10.13
CA PHE B 137 29.33 -22.74 -11.46
C PHE B 137 30.33 -23.82 -11.85
N ASP B 138 31.45 -23.92 -11.14
CA ASP B 138 32.44 -24.94 -11.45
C ASP B 138 32.06 -26.26 -10.79
N ASN B 139 31.44 -26.19 -9.62
CA ASN B 139 31.02 -27.41 -8.94
C ASN B 139 29.80 -28.04 -9.58
N ILE B 140 29.04 -27.25 -10.32
CA ILE B 140 27.85 -27.76 -11.00
C ILE B 140 28.31 -28.44 -12.28
N ILE B 141 29.34 -27.85 -12.89
CA ILE B 141 29.92 -28.40 -14.11
C ILE B 141 30.55 -29.75 -13.85
N SER B 142 31.23 -29.87 -12.71
CA SER B 142 31.89 -31.09 -12.30
C SER B 142 30.98 -32.29 -12.11
N GLN B 143 29.67 -32.07 -11.96
CA GLN B 143 28.76 -33.20 -11.83
C GLN B 143 28.25 -33.60 -13.22
N GLY B 144 28.85 -32.98 -14.24
CA GLY B 144 28.51 -33.25 -15.62
C GLY B 144 27.02 -33.40 -15.91
N VAL B 145 26.30 -32.29 -15.93
CA VAL B 145 24.88 -32.39 -16.17
C VAL B 145 24.30 -31.28 -17.05
N LEU B 146 25.13 -30.35 -17.47
CA LEU B 146 24.65 -29.25 -18.30
C LEU B 146 24.98 -29.49 -19.79
N LYS B 147 23.99 -29.28 -20.66
CA LYS B 147 24.19 -29.49 -22.10
C LYS B 147 25.39 -28.76 -22.66
N GLU B 148 25.82 -27.71 -21.98
CA GLU B 148 26.99 -26.96 -22.42
C GLU B 148 27.66 -26.24 -21.26
N ASP B 149 28.95 -25.99 -21.40
CA ASP B 149 29.72 -25.34 -20.36
C ASP B 149 29.49 -23.83 -20.46
N VAL B 150 28.25 -23.41 -20.27
CA VAL B 150 27.91 -22.00 -20.38
C VAL B 150 26.67 -21.62 -19.60
N PHE B 151 26.48 -20.32 -19.48
CA PHE B 151 25.31 -19.75 -18.80
C PHE B 151 25.04 -18.41 -19.48
N SER B 152 23.75 -18.10 -19.62
CA SER B 152 23.30 -16.88 -20.29
C SER B 152 22.48 -16.01 -19.36
N PHE B 153 22.37 -14.73 -19.71
CA PHE B 153 21.61 -13.77 -18.91
C PHE B 153 20.59 -13.00 -19.77
N TYR B 154 19.40 -12.81 -19.20
CA TYR B 154 18.33 -12.05 -19.85
C TYR B 154 17.77 -11.06 -18.83
N TYR B 155 17.85 -9.78 -19.16
CA TYR B 155 17.34 -8.73 -18.29
C TYR B 155 16.23 -7.97 -19.02
N ASN B 156 15.04 -7.91 -18.44
CA ASN B 156 13.93 -7.21 -19.08
C ASN B 156 13.93 -5.73 -18.73
N ARG B 157 13.11 -4.96 -19.43
CA ARG B 157 12.99 -3.53 -19.17
C ARG B 157 11.90 -3.37 -18.14
N ASP B 158 12.05 -2.40 -17.25
CA ASP B 158 11.07 -2.19 -16.20
C ASP B 158 9.65 -2.08 -16.75
N SER B 159 8.69 -2.25 -15.87
CA SER B 159 7.27 -2.18 -16.24
C SER B 159 6.41 -1.96 -14.99
N LEU B 165 7.62 -10.35 -16.07
CA LEU B 165 8.84 -11.21 -15.99
C LEU B 165 10.10 -10.34 -15.98
N GLY B 166 10.76 -10.29 -14.83
CA GLY B 166 11.94 -9.44 -14.66
C GLY B 166 13.22 -9.80 -15.36
N GLY B 167 13.56 -11.08 -15.37
CA GLY B 167 14.77 -11.51 -16.00
C GLY B 167 14.90 -12.99 -15.79
N GLN B 168 15.88 -13.60 -16.44
CA GLN B 168 16.07 -15.04 -16.32
C GLN B 168 17.52 -15.43 -16.59
N ILE B 169 18.00 -16.44 -15.88
CA ILE B 169 19.36 -16.92 -16.12
C ILE B 169 19.28 -18.39 -16.47
N VAL B 170 20.05 -18.80 -17.47
CA VAL B 170 20.03 -20.20 -17.83
C VAL B 170 21.40 -20.82 -17.63
N LEU B 171 21.45 -21.81 -16.76
CA LEU B 171 22.69 -22.51 -16.51
C LEU B 171 22.77 -23.64 -17.56
N GLY B 172 23.82 -23.62 -18.36
CA GLY B 172 23.93 -24.65 -19.37
C GLY B 172 23.40 -24.26 -20.74
N GLY B 173 22.94 -23.00 -20.89
CA GLY B 173 22.44 -22.59 -22.18
C GLY B 173 21.73 -21.24 -22.27
N SER B 174 21.23 -20.95 -23.48
CA SER B 174 20.51 -19.73 -23.78
C SER B 174 19.05 -20.11 -23.96
N ASP B 175 18.17 -19.10 -23.99
CA ASP B 175 16.75 -19.34 -24.18
C ASP B 175 16.28 -18.53 -25.36
N PRO B 176 16.11 -19.19 -26.52
CA PRO B 176 15.68 -18.63 -27.79
C PRO B 176 14.65 -17.50 -27.70
N GLN B 177 13.66 -17.71 -26.83
CA GLN B 177 12.60 -16.75 -26.63
C GLN B 177 13.05 -15.36 -26.19
N HIS B 178 14.25 -15.27 -25.63
CA HIS B 178 14.68 -13.99 -25.14
C HIS B 178 15.75 -13.26 -25.89
N TYR B 179 15.89 -13.61 -27.15
CA TYR B 179 16.84 -12.96 -28.04
C TYR B 179 16.39 -13.35 -29.44
N GLU B 180 16.99 -12.72 -30.42
CA GLU B 180 16.65 -13.01 -31.79
C GLU B 180 17.89 -12.85 -32.62
N GLY B 181 17.97 -13.65 -33.67
CA GLY B 181 19.13 -13.64 -34.53
C GLY B 181 20.04 -14.72 -33.97
N ASN B 182 21.34 -14.54 -34.13
CA ASN B 182 22.29 -15.52 -33.62
C ASN B 182 23.37 -14.85 -32.79
N PHE B 183 23.82 -15.53 -31.74
CA PHE B 183 24.87 -14.97 -30.92
C PHE B 183 26.13 -14.78 -31.76
N HIS B 184 26.76 -13.63 -31.59
CA HIS B 184 28.02 -13.37 -32.25
C HIS B 184 28.93 -13.27 -31.01
N TYR B 185 30.18 -13.71 -31.11
CA TYR B 185 31.00 -13.70 -29.91
C TYR B 185 32.28 -12.87 -29.94
N ILE B 186 32.87 -12.70 -28.74
CA ILE B 186 34.14 -12.00 -28.57
C ILE B 186 34.90 -12.81 -27.53
N ASN B 187 36.18 -13.10 -27.79
CA ASN B 187 36.96 -13.90 -26.84
C ASN B 187 37.53 -13.05 -25.73
N LEU B 188 37.70 -13.68 -24.56
CA LEU B 188 38.24 -12.98 -23.42
C LEU B 188 39.68 -12.56 -23.66
N ILE B 189 40.11 -11.48 -23.03
CA ILE B 189 41.48 -11.05 -23.19
C ILE B 189 42.38 -12.12 -22.58
N LYS B 190 41.90 -12.73 -21.51
CA LYS B 190 42.63 -13.77 -20.84
C LYS B 190 41.58 -14.50 -20.04
N THR B 191 41.97 -15.53 -19.29
CA THR B 191 41.02 -16.27 -18.47
C THR B 191 41.01 -15.73 -17.06
N GLY B 192 39.92 -15.99 -16.34
CA GLY B 192 39.84 -15.53 -14.98
C GLY B 192 39.04 -14.25 -14.85
N VAL B 193 38.79 -13.60 -15.99
CA VAL B 193 38.04 -12.35 -15.98
C VAL B 193 37.10 -12.21 -17.18
N TRP B 194 35.82 -11.93 -16.93
CA TRP B 194 34.87 -11.78 -18.01
C TRP B 194 35.01 -10.39 -18.60
N GLN B 195 36.17 -10.14 -19.17
CA GLN B 195 36.49 -8.87 -19.77
C GLN B 195 36.95 -9.12 -21.20
N ILE B 196 36.65 -8.19 -22.11
CA ILE B 196 37.02 -8.37 -23.49
C ILE B 196 37.52 -7.09 -24.17
N GLN B 197 38.26 -7.23 -25.25
CA GLN B 197 38.77 -6.06 -25.94
C GLN B 197 37.62 -5.34 -26.60
N MET B 198 37.66 -4.00 -26.54
CA MET B 198 36.63 -3.16 -27.16
C MET B 198 37.37 -2.16 -28.03
N LYS B 199 36.92 -2.02 -29.28
CA LYS B 199 37.57 -1.11 -30.22
C LYS B 199 36.76 0.16 -30.50
N GLY B 200 36.85 1.13 -29.60
CA GLY B 200 36.13 2.38 -29.81
C GLY B 200 34.64 2.37 -29.54
N VAL B 201 34.14 3.51 -29.06
CA VAL B 201 32.72 3.71 -28.76
C VAL B 201 32.19 4.91 -29.52
N SER B 202 31.03 4.74 -30.15
CA SER B 202 30.49 5.83 -30.94
C SER B 202 29.34 6.62 -30.33
N VAL B 203 29.22 7.85 -30.80
CA VAL B 203 28.19 8.77 -30.40
C VAL B 203 27.72 9.33 -31.74
N GLY B 204 26.54 8.93 -32.18
CA GLY B 204 26.06 9.39 -33.46
C GLY B 204 26.86 8.59 -34.46
N SER B 205 27.26 9.20 -35.56
CA SER B 205 28.05 8.51 -36.57
C SER B 205 29.56 8.68 -36.29
N SER B 206 29.88 9.57 -35.37
CA SER B 206 31.27 9.83 -34.98
C SER B 206 31.92 8.63 -34.28
N THR B 207 33.05 8.88 -33.61
CA THR B 207 33.80 7.84 -32.90
C THR B 207 34.76 8.53 -31.94
N LEU B 208 34.23 9.39 -31.08
CA LEU B 208 35.07 10.17 -30.16
C LEU B 208 35.73 9.49 -28.96
N LEU B 209 35.28 8.30 -28.61
CA LEU B 209 35.87 7.65 -27.45
C LEU B 209 36.50 6.29 -27.69
N CYS B 210 37.40 5.95 -26.78
CA CYS B 210 38.11 4.70 -26.80
C CYS B 210 38.70 4.32 -28.16
N GLU B 211 39.29 5.29 -28.85
CA GLU B 211 39.94 5.03 -30.13
C GLU B 211 41.15 4.27 -29.61
N ASP B 212 41.80 3.46 -30.44
CA ASP B 212 42.97 2.70 -29.95
C ASP B 212 42.60 1.75 -28.80
N GLY B 213 41.46 1.08 -28.93
CA GLY B 213 41.00 0.13 -27.93
C GLY B 213 41.03 0.46 -26.44
N CYS B 214 40.23 -0.29 -25.70
CA CYS B 214 40.09 -0.16 -24.25
C CYS B 214 39.46 -1.46 -23.75
N LEU B 215 39.43 -1.67 -22.45
CA LEU B 215 38.87 -2.90 -21.91
C LEU B 215 37.40 -2.81 -21.49
N ALA B 216 36.68 -3.93 -21.64
CA ALA B 216 35.27 -3.99 -21.31
C ALA B 216 34.91 -5.24 -20.50
N LEU B 217 34.55 -5.02 -19.24
CA LEU B 217 34.17 -6.10 -18.33
C LEU B 217 32.64 -6.30 -18.47
N VAL B 218 32.20 -7.51 -18.80
CA VAL B 218 30.76 -7.75 -18.91
C VAL B 218 30.31 -8.14 -17.52
N ASP B 219 29.77 -7.15 -16.80
CA ASP B 219 29.35 -7.34 -15.41
C ASP B 219 27.85 -7.48 -15.20
N THR B 220 27.35 -8.72 -15.06
CA THR B 220 25.92 -8.89 -14.88
C THR B 220 25.53 -8.29 -13.54
N GLY B 221 26.51 -8.16 -12.66
CA GLY B 221 26.24 -7.60 -11.35
C GLY B 221 26.21 -6.09 -11.27
N ALA B 222 26.77 -5.39 -12.24
CA ALA B 222 26.77 -3.93 -12.19
C ALA B 222 25.49 -3.37 -12.79
N SER B 223 25.07 -2.21 -12.29
CA SER B 223 23.83 -1.58 -12.76
C SER B 223 23.82 -0.91 -14.11
N TYR B 224 24.89 -0.19 -14.45
CA TYR B 224 24.87 0.51 -15.72
C TYR B 224 26.11 0.32 -16.55
N ILE B 225 26.12 0.95 -17.71
CA ILE B 225 27.29 0.92 -18.57
C ILE B 225 28.17 1.96 -17.92
N SER B 226 29.37 1.56 -17.49
CA SER B 226 30.29 2.49 -16.85
C SER B 226 31.59 2.66 -17.62
N GLY B 227 32.17 3.83 -17.49
CA GLY B 227 33.44 4.12 -18.15
C GLY B 227 34.33 4.96 -17.23
N SER B 228 35.55 5.27 -17.68
CA SER B 228 36.44 6.06 -16.85
C SER B 228 35.84 7.44 -16.64
N THR B 229 36.14 8.05 -15.49
CA THR B 229 35.62 9.37 -15.22
C THR B 229 35.92 10.27 -16.41
N SER B 230 37.15 10.21 -16.93
CA SER B 230 37.55 11.04 -18.07
C SER B 230 36.66 10.75 -19.25
N SER B 231 36.39 9.47 -19.48
CA SER B 231 35.58 9.02 -20.61
C SER B 231 34.11 9.42 -20.46
N ILE B 232 33.53 9.06 -19.33
CA ILE B 232 32.14 9.35 -19.08
C ILE B 232 31.91 10.86 -19.05
N GLU B 233 32.99 11.62 -19.09
CA GLU B 233 32.80 13.05 -19.09
C GLU B 233 32.81 13.52 -20.54
N LYS B 234 33.65 12.91 -21.35
CA LYS B 234 33.73 13.24 -22.77
C LYS B 234 32.44 12.75 -23.41
N LEU B 235 31.93 11.60 -22.95
CA LEU B 235 30.70 11.07 -23.52
C LEU B 235 29.53 12.02 -23.25
N MET B 236 29.34 12.37 -21.98
CA MET B 236 28.25 13.25 -21.60
C MET B 236 28.27 14.61 -22.31
N GLU B 237 29.46 15.15 -22.56
CA GLU B 237 29.57 16.43 -23.24
C GLU B 237 29.04 16.29 -24.66
N ALA B 238 29.43 15.21 -25.33
CA ALA B 238 28.96 14.95 -26.70
C ALA B 238 27.47 14.63 -26.69
N LEU B 239 26.99 14.10 -25.57
CA LEU B 239 25.58 13.76 -25.42
C LEU B 239 24.84 15.03 -25.01
N GLY B 240 25.60 16.06 -24.65
CA GLY B 240 25.00 17.31 -24.25
C GLY B 240 24.25 17.23 -22.93
N ALA B 241 24.72 16.36 -22.04
CA ALA B 241 24.08 16.20 -20.74
C ALA B 241 24.93 16.87 -19.66
N LYS B 242 24.26 17.42 -18.65
CA LYS B 242 24.96 18.11 -17.56
C LYS B 242 25.04 17.26 -16.30
N LYS B 243 25.89 17.70 -15.37
CA LYS B 243 26.07 17.05 -14.09
C LYS B 243 25.28 17.81 -13.03
N ARG B 244 24.39 17.13 -12.30
CA ARG B 244 23.58 17.76 -11.26
C ARG B 244 24.26 17.69 -9.88
N LEU B 245 23.88 16.69 -9.07
CA LEU B 245 24.50 16.47 -7.75
C LEU B 245 25.64 15.55 -8.08
N PHE B 246 25.30 14.28 -8.22
CA PHE B 246 26.24 13.23 -8.53
C PHE B 246 25.65 12.29 -9.58
N ASP B 247 25.04 12.87 -10.62
CA ASP B 247 24.46 12.13 -11.73
C ASP B 247 24.28 13.08 -12.90
N TYR B 248 24.57 12.60 -14.10
CA TYR B 248 24.40 13.43 -15.28
C TYR B 248 22.93 13.32 -15.71
N VAL B 249 22.28 14.46 -15.87
CA VAL B 249 20.90 14.47 -16.30
C VAL B 249 20.78 15.23 -17.60
N VAL B 250 19.65 15.04 -18.25
CA VAL B 250 19.38 15.65 -19.54
C VAL B 250 17.92 16.10 -19.46
N LYS B 251 17.50 17.10 -20.25
CA LYS B 251 16.10 17.48 -20.19
C LYS B 251 15.32 16.23 -20.60
N CYS B 252 14.29 15.88 -19.84
CA CYS B 252 13.51 14.68 -20.16
C CYS B 252 12.85 14.70 -21.53
N ASN B 253 12.56 15.90 -22.03
CA ASN B 253 11.90 16.01 -23.30
C ASN B 253 12.90 15.83 -24.42
N GLU B 254 14.12 16.26 -24.20
CA GLU B 254 15.15 16.14 -25.22
C GLU B 254 15.75 14.75 -25.23
N GLY B 255 15.38 13.93 -24.25
CA GLY B 255 15.90 12.58 -24.12
C GLY B 255 15.86 11.77 -25.39
N PRO B 256 14.70 11.72 -26.06
CA PRO B 256 14.61 10.94 -27.29
C PRO B 256 15.42 11.50 -28.47
N THR B 257 15.93 12.72 -28.36
CA THR B 257 16.69 13.30 -29.45
C THR B 257 18.19 13.02 -29.38
N LEU B 258 18.60 12.31 -28.34
CA LEU B 258 20.01 11.98 -28.17
C LEU B 258 20.45 10.93 -29.18
N PRO B 259 21.63 11.15 -29.78
CA PRO B 259 22.26 10.30 -30.79
C PRO B 259 22.43 8.88 -30.31
N ASP B 260 22.53 7.95 -31.24
CA ASP B 260 22.73 6.57 -30.85
C ASP B 260 24.10 6.48 -30.20
N ILE B 261 24.32 5.37 -29.48
CA ILE B 261 25.59 5.10 -28.81
C ILE B 261 25.92 3.64 -29.08
N SER B 262 27.04 3.38 -29.74
CA SER B 262 27.38 2.01 -30.04
C SER B 262 28.79 1.63 -29.59
N PHE B 263 28.93 0.40 -29.12
CA PHE B 263 30.21 -0.10 -28.66
C PHE B 263 30.75 -1.10 -29.67
N HIS B 264 31.97 -0.88 -30.15
CA HIS B 264 32.56 -1.78 -31.12
C HIS B 264 33.18 -2.97 -30.40
N LEU B 265 32.50 -4.11 -30.50
CA LEU B 265 32.91 -5.35 -29.86
C LEU B 265 33.12 -6.50 -30.84
N GLY B 266 34.30 -6.53 -31.46
CA GLY B 266 34.62 -7.58 -32.41
C GLY B 266 33.75 -7.63 -33.65
N GLY B 267 34.16 -6.94 -34.69
CA GLY B 267 33.39 -6.97 -35.92
C GLY B 267 32.07 -6.23 -35.88
N LYS B 268 31.17 -6.60 -34.97
CA LYS B 268 29.88 -5.92 -34.86
C LYS B 268 29.88 -4.67 -33.96
N GLU B 269 28.96 -3.75 -34.26
CA GLU B 269 28.78 -2.52 -33.51
C GLU B 269 27.54 -2.71 -32.66
N TYR B 270 27.70 -2.77 -31.35
CA TYR B 270 26.56 -2.94 -30.46
C TYR B 270 26.00 -1.58 -30.09
N THR B 271 24.81 -1.34 -30.62
CA THR B 271 24.11 -0.07 -30.46
C THR B 271 23.04 0.05 -29.38
N LEU B 272 22.94 1.24 -28.81
CA LEU B 272 21.92 1.57 -27.82
C LEU B 272 21.39 2.93 -28.23
N THR B 273 20.06 3.00 -28.37
CA THR B 273 19.40 4.25 -28.74
C THR B 273 19.16 4.97 -27.42
N SER B 274 18.79 6.24 -27.49
CA SER B 274 18.55 6.96 -26.25
C SER B 274 17.46 6.27 -25.42
N ALA B 275 16.56 5.55 -26.07
CA ALA B 275 15.51 4.88 -25.33
C ALA B 275 16.10 3.83 -24.42
N ASP B 276 17.31 3.40 -24.76
CA ASP B 276 17.99 2.38 -23.99
C ASP B 276 18.77 2.95 -22.82
N TYR B 277 19.41 4.10 -23.03
CA TYR B 277 20.22 4.64 -21.97
C TYR B 277 19.69 5.83 -21.20
N VAL B 278 18.48 6.28 -21.50
CA VAL B 278 17.91 7.40 -20.75
C VAL B 278 16.73 6.93 -19.92
N PHE B 279 16.75 7.18 -18.62
CA PHE B 279 15.61 6.80 -17.77
C PHE B 279 14.58 7.89 -17.97
N GLN B 280 13.47 7.55 -18.60
CA GLN B 280 12.45 8.56 -18.83
C GLN B 280 11.29 8.49 -17.85
N GLU B 281 11.50 8.94 -16.61
CA GLU B 281 10.43 8.92 -15.63
C GLU B 281 9.29 9.70 -16.24
N SER B 282 9.63 10.69 -17.05
CA SER B 282 8.66 11.53 -17.75
C SER B 282 9.22 11.94 -19.10
N TYR B 283 8.42 12.68 -19.85
CA TYR B 283 8.81 13.15 -21.16
C TYR B 283 8.60 14.66 -21.28
N SER B 284 8.40 15.31 -20.15
CA SER B 284 8.14 16.75 -20.11
C SER B 284 9.40 17.61 -20.22
N SER B 285 9.17 18.88 -20.55
CA SER B 285 10.23 19.86 -20.69
C SER B 285 10.43 20.64 -19.39
N LYS B 286 9.87 20.15 -18.29
CA LYS B 286 10.01 20.81 -17.00
C LYS B 286 10.67 19.86 -16.01
N LYS B 287 11.15 18.72 -16.51
CA LYS B 287 11.77 17.69 -15.68
C LYS B 287 13.15 17.26 -16.19
N LEU B 288 14.00 16.81 -15.26
CA LEU B 288 15.35 16.34 -15.56
C LEU B 288 15.43 14.81 -15.49
N CYS B 289 15.88 14.21 -16.59
CA CYS B 289 16.02 12.76 -16.66
C CYS B 289 17.46 12.28 -16.56
N THR B 290 17.64 11.22 -15.78
CA THR B 290 18.91 10.56 -15.52
C THR B 290 19.27 9.55 -16.61
N LEU B 291 20.58 9.32 -16.76
CA LEU B 291 21.07 8.36 -17.74
C LEU B 291 21.39 7.01 -17.09
N ALA B 292 21.46 5.96 -17.90
CA ALA B 292 21.78 4.62 -17.42
C ALA B 292 23.25 4.37 -17.70
N ILE B 293 24.03 5.45 -17.65
CA ILE B 293 25.47 5.39 -17.85
C ILE B 293 26.19 6.25 -16.81
N HIS B 294 26.54 5.65 -15.67
CA HIS B 294 27.24 6.37 -14.63
C HIS B 294 28.73 6.12 -14.79
N ALA B 295 29.55 7.07 -14.36
CA ALA B 295 30.99 6.90 -14.46
C ALA B 295 31.52 6.19 -13.21
N MET B 296 32.50 5.31 -13.41
CA MET B 296 33.08 4.58 -12.29
C MET B 296 34.52 4.23 -12.64
N ASP B 297 35.43 4.49 -11.70
CA ASP B 297 36.85 4.19 -11.91
C ASP B 297 37.22 2.90 -11.18
N ILE B 298 37.46 1.85 -11.95
CA ILE B 298 37.82 0.55 -11.39
C ILE B 298 39.33 0.39 -11.48
N PRO B 299 39.98 0.12 -10.34
CA PRO B 299 41.42 -0.06 -10.18
C PRO B 299 41.99 -1.38 -10.70
N PRO B 300 43.32 -1.42 -10.88
CA PRO B 300 44.06 -2.59 -11.36
C PRO B 300 43.94 -3.78 -10.40
N PRO B 301 44.21 -5.01 -10.90
CA PRO B 301 44.59 -5.24 -12.30
C PRO B 301 43.41 -5.34 -13.28
N THR B 302 42.19 -5.43 -12.74
CA THR B 302 40.98 -5.55 -13.57
C THR B 302 40.76 -4.28 -14.36
N GLY B 303 40.98 -3.13 -13.69
CA GLY B 303 40.78 -1.85 -14.34
C GLY B 303 42.05 -1.07 -14.61
N PRO B 304 41.93 0.13 -15.21
CA PRO B 304 40.64 0.71 -15.60
C PRO B 304 40.02 0.10 -16.88
N THR B 305 38.75 -0.26 -16.79
CA THR B 305 38.03 -0.85 -17.93
C THR B 305 36.91 0.07 -18.34
N TRP B 306 35.78 -0.58 -18.57
CA TRP B 306 34.49 -0.01 -18.91
C TRP B 306 33.71 -1.18 -18.36
N ALA B 307 32.46 -0.98 -17.99
CA ALA B 307 31.71 -2.10 -17.53
C ALA B 307 30.39 -2.10 -18.26
N LEU B 308 30.08 -3.20 -18.91
CA LEU B 308 28.81 -3.28 -19.58
C LEU B 308 27.90 -3.96 -18.54
N GLY B 309 27.08 -3.15 -17.89
CA GLY B 309 26.18 -3.63 -16.86
C GLY B 309 24.77 -3.93 -17.33
N ALA B 310 23.81 -3.86 -16.41
CA ALA B 310 22.41 -4.14 -16.73
C ALA B 310 21.96 -3.24 -17.88
N THR B 311 22.52 -2.04 -17.93
CA THR B 311 22.17 -1.11 -18.99
C THR B 311 22.45 -1.78 -20.34
N PHE B 312 23.62 -2.39 -20.47
CA PHE B 312 24.00 -3.02 -21.71
C PHE B 312 23.36 -4.36 -22.00
N ILE B 313 23.15 -5.16 -20.96
CA ILE B 313 22.56 -6.49 -21.15
C ILE B 313 21.08 -6.39 -21.52
N ARG B 314 20.41 -5.39 -20.96
CA ARG B 314 18.99 -5.17 -21.21
C ARG B 314 18.72 -5.15 -22.71
N LYS B 315 19.65 -4.57 -23.46
CA LYS B 315 19.50 -4.50 -24.91
C LYS B 315 19.97 -5.78 -25.59
N PHE B 316 21.10 -6.30 -25.12
CA PHE B 316 21.69 -7.52 -25.65
C PHE B 316 21.72 -8.68 -24.69
N TYR B 317 21.16 -9.79 -25.15
CA TYR B 317 21.13 -11.02 -24.37
C TYR B 317 22.55 -11.53 -24.37
N THR B 318 23.00 -12.01 -23.23
CA THR B 318 24.37 -12.47 -23.13
C THR B 318 24.51 -13.93 -22.72
N GLU B 319 25.49 -14.59 -23.32
CA GLU B 319 25.78 -15.99 -23.03
C GLU B 319 27.25 -16.06 -22.65
N PHE B 320 27.53 -16.52 -21.43
CA PHE B 320 28.90 -16.62 -20.97
C PHE B 320 29.36 -18.05 -21.24
N ASP B 321 30.28 -18.18 -22.18
CA ASP B 321 30.82 -19.45 -22.62
C ASP B 321 32.14 -19.74 -21.93
N ARG B 322 32.07 -20.58 -20.89
CA ARG B 322 33.26 -20.95 -20.12
C ARG B 322 34.18 -21.85 -20.92
N ARG B 323 33.58 -22.75 -21.71
CA ARG B 323 34.35 -23.66 -22.55
C ARG B 323 35.27 -22.95 -23.57
N ASN B 324 34.72 -22.05 -24.38
CA ASN B 324 35.51 -21.33 -25.37
C ASN B 324 36.04 -20.01 -24.82
N ASN B 325 35.81 -19.78 -23.54
CA ASN B 325 36.26 -18.54 -22.93
C ASN B 325 35.94 -17.36 -23.85
N ARG B 326 34.66 -17.25 -24.18
CA ARG B 326 34.19 -16.19 -25.07
C ARG B 326 32.90 -15.64 -24.49
N ILE B 327 32.44 -14.51 -25.02
CA ILE B 327 31.19 -13.93 -24.59
C ILE B 327 30.31 -13.62 -25.81
N GLY B 328 29.07 -14.09 -25.74
CA GLY B 328 28.13 -13.91 -26.83
C GLY B 328 27.04 -12.87 -26.61
N PHE B 329 26.61 -12.27 -27.71
CA PHE B 329 25.60 -11.23 -27.72
C PHE B 329 24.56 -11.39 -28.82
N ALA B 330 23.29 -11.41 -28.41
CA ALA B 330 22.17 -11.54 -29.33
C ALA B 330 21.12 -10.54 -28.90
N LEU B 331 20.65 -9.73 -29.85
CA LEU B 331 19.64 -8.71 -29.60
C LEU B 331 18.57 -9.32 -28.70
N ALA B 332 18.53 -8.86 -27.45
CA ALA B 332 17.59 -9.36 -26.46
C ALA B 332 16.17 -8.94 -26.74
N ARG B 333 15.21 -9.78 -26.36
CA ARG B 333 13.80 -9.49 -26.58
C ARG B 333 12.92 -10.10 -25.49
C1 4LG C . -26.70 -1.82 8.82
O1 4LG C . -26.87 -1.94 7.43
C2 4LG C . -26.92 -3.26 6.96
C3 4LG C . -28.10 -4.06 6.94
C4 4LG C . -29.40 -3.49 7.45
O2 4LG C . -30.49 -4.37 7.37
C5 4LG C . -25.71 -3.80 6.47
C6 4LG C . -25.67 -5.13 5.97
C7 4LG C . -26.82 -5.91 5.96
C8 4LG C . -28.03 -5.38 6.44
C9 4LG C . -27.21 3.01 7.22
C10 4LG C . -26.01 3.62 7.53
C11 4LG C . -24.87 3.41 6.86
C12 4LG C . -24.80 2.52 5.77
C13 4LG C . -25.98 1.82 5.39
C14 4LG C . -27.21 2.07 6.12
N1 4LG C . -23.68 3.97 7.11
C15 4LG C . -22.75 3.49 6.20
C16 4LG C . -23.41 2.57 5.34
C17 4LG C . -23.66 4.91 8.26
C18 4LG C . -22.45 5.58 8.71
O3 4LG C . -22.80 6.47 9.65
O4 4LG C . -21.37 5.37 8.31
C19 4LG C . -21.79 7.26 10.28
C20 4LG C . -29.60 5.19 9.24
C21 4LG C . -29.30 6.71 9.27
N2 4LG C . -30.27 7.36 10.08
C22 4LG C . -31.66 7.24 9.67
C23 4LG C . -32.06 5.80 9.18
N3 4LG C . -31.05 4.83 8.98
O5 4LG C . -33.26 5.59 9.00
C24 4LG C . -28.49 4.70 8.30
O6 4LG C . -28.36 3.33 7.93
C25 4LG C . -31.30 3.15 7.19
C26 4LG C . -31.36 3.53 8.57
C27 4LG C . -31.73 2.50 9.50
C28 4LG C . -32.02 1.18 9.08
C29 4LG C . -31.94 0.83 7.70
C30 4LG C . -31.58 1.83 6.78
O7 4LG C . -32.18 -0.44 7.12
C31 4LG C . -32.57 -1.54 7.92
C32 4LG C . -32.49 -2.85 7.14
C33 4LG C . -31.77 -4.01 7.85
C1 4LG D . 25.30 -8.12 -2.15
O1 4LG D . 25.15 -7.08 -1.19
C2 4LG D . 24.62 -7.46 0.07
C3 4LG D . 25.38 -8.14 1.05
C4 4LG D . 26.81 -8.46 0.71
O2 4LG D . 27.61 -9.13 1.64
C5 4LG D . 23.27 -7.13 0.35
C6 4LG D . 22.68 -7.47 1.59
C7 4LG D . 23.43 -8.15 2.55
C8 4LG D . 24.78 -8.48 2.29
C9 4LG D . 26.32 -5.04 -5.36
C10 4LG D . 25.36 -4.83 -6.30
C11 4LG D . 24.25 -4.12 -6.08
C12 4LG D . 23.97 -3.53 -4.83
C13 4LG D . 24.90 -3.69 -3.80
C14 4LG D . 26.10 -4.47 -4.06
N1 4LG D . 23.27 -3.88 -6.96
C15 4LG D . 22.31 -3.13 -6.37
C16 4LG D . 22.69 -2.87 -5.04
C17 4LG D . 23.52 -4.53 -8.28
C18 4LG D . 22.59 -4.49 -9.42
O3 4LG D . 23.30 -4.62 -10.53
O4 4LG D . 21.43 -4.41 -9.34
C19 4LG D . 22.63 -4.66 -11.77
C20 4LG D . 28.92 -6.62 -7.70
C21 4LG D . 29.11 -5.93 -9.07
N2 4LG D . 30.05 -6.67 -9.86
C22 4LG D . 31.38 -6.78 -9.31
C23 4LG D . 31.42 -7.08 -7.78
N3 4LG D . 30.22 -7.00 -7.01
O5 4LG D . 32.50 -7.38 -7.33
C24 4LG D . 27.93 -5.62 -7.05
O6 4LG D . 27.45 -5.79 -5.70
C25 4LG D . 30.22 -6.25 -4.66
C26 4LG D . 30.24 -7.29 -5.63
C27 4LG D . 30.29 -8.63 -5.12
C28 4LG D . 30.34 -8.90 -3.73
C29 4LG D . 30.32 -7.84 -2.78
C30 4LG D . 30.24 -6.53 -3.27
O7 4LG D . 30.39 -7.92 -1.37
C31 4LG D . 30.53 -9.17 -0.73
C32 4LG D . 29.24 -9.67 -0.15
C33 4LG D . 28.97 -9.33 1.31
#